data_4XPF
#
_entry.id   4XPF
#
_cell.length_a   97.415
_cell.length_b   140.312
_cell.length_c   166.962
_cell.angle_alpha   90.000
_cell.angle_beta   90.000
_cell.angle_gamma   90.000
#
_symmetry.space_group_name_H-M   'P 21 21 21'
#
loop_
_entity.id
_entity.type
_entity.pdbx_description
1 polymer 'Dopamine transporter-protein'
2 polymer 'ANTIBODY FRAGMENT HEAVY CHAIN-PROTEIN, 9D5-HEAVY CHAIN'
3 polymer 'ANTIBODY FRAGMENT LIGHT CHAIN-PROTEIN, 9D5-LIGHT CHAIN'
4 non-polymer DECYL-BETA-D-MALTOPYRANOSIDE
5 non-polymer 1-ETHOXY-2-(2-ETHOXYETHOXY)ETHANE
6 non-polymer 'methyl (1R,2S,3S,5S)-3-(4-iodophenyl)-8-methyl-8-azabicyclo[3.2.1]octane-2-carboxylate'
7 non-polymer CHOLESTEROL
8 non-polymer 'SODIUM ION'
9 non-polymer 'CHLORIDE ION'
10 water water
#
loop_
_entity_poly.entity_id
_entity_poly.type
_entity_poly.pdbx_seq_one_letter_code
_entity_poly.pdbx_strand_id
1 'polypeptide(L)'
;MNSISDERETWSGKVDFLLSVIGFAVDLANVWRFPYLCYKNGGGAFLVPYGIMLAVGGIPLFYMELALGQHNRKGAITCW
GRLVPLFKGIGYAVVLIAFYVGFYYNVIIAWSLRFFFASFTNSLPWTSCNNIWNTPNCRPFESQGFQSAASEYFNRYILE
LNRSEGIHDLGAIKWDMALCLLIVYLICYFSLWKGISTSGKVVWFTALFPYAVLLILLIRGLTLPGSFLGIQYYLTPNFS
AIYKAEVWVDAATQVFFSLGPGFGVLLAYASYNKYHNNVYKDALLTSFINSATSFIAGFVIFSVLGYMAHTLGVRIEDVA
TEGPGLVFVVYPAAIATMPASTFWALIFFMMLATLGLDSSFGGMEAIITALSDEFPKIKRNRELFVAGLFSLYFVVGLAS
CTQGGFYFFHLLDRYAAGYSILVAVFFEAIAVSWIYGTNRFSEDIRDMIGFPPGRYWQVCWRFVAPIFLLFITVYGLIGY
EPLTYADYVYPSWANALGWCIAGSSVVMIPAVAIFKLLSTPGSLRQRFTILTTPWRDQQLVPR
;
A
2 'polypeptide(L)'
;MDFQVQIFSFLLISASVAMSRGENVLTQSPAIMSTSPGEKVTMTCRASSSVGSSYLHWYQQKSGASPKLWIYSTSNLASG
VPARFSGSGSGTSYSLTISSVEAEDAATYYCQQFSGYPLTFGSGTKLEMKRADAAPTVSIFPPSSEQLTSGGASVVCFLN
NFYPKDINVKWKIDGSERQNGVLNSWTDQDSKDSTYSMSSTLTLTKDEYERHNSYTCEATHKTSTSPIVKSFNRNEC
;
L
3 'polypeptide(L)'
;MNFGLRLVFLVLILKGVQCEVQLVESGGGLVKPGGSLKLSCAASGFTFSSYAMSWVRQSPEKRLEWVAEISSGGRYIYYS
DTVTGRFTISRDNARNILHLEMSSLRSEDTAMYYCARGEVRQRGFDYWGQGTTLTVSSAKTTAPSVYPLAPVCGDTTGSS
VTLGCLVKGYFPEPVTLTWNSGSLSSGVHTFPAVLQSDLYTLSSSVTVTSSTWPSQSITCNVAHPASSTKVDKKIEPRGP
;
H
#
# COMPACT_ATOMS: atom_id res chain seq x y z
N ASP A 6 19.28 12.12 4.85
CA ASP A 6 18.35 11.09 4.39
C ASP A 6 18.56 9.77 5.10
N GLU A 7 19.71 9.15 4.87
CA GLU A 7 19.96 7.77 5.29
C GLU A 7 19.81 7.52 6.78
N ARG A 8 19.01 6.50 7.11
CA ARG A 8 18.84 6.05 8.48
C ARG A 8 18.98 4.53 8.52
N GLU A 9 19.51 4.02 9.62
CA GLU A 9 19.78 2.59 9.74
C GLU A 9 18.51 1.76 9.61
N THR A 10 18.63 0.54 9.11
CA THR A 10 17.48 -0.31 8.85
C THR A 10 17.62 -1.66 9.56
N TRP A 11 16.52 -2.38 9.71
CA TRP A 11 16.54 -3.69 10.35
C TRP A 11 17.46 -4.63 9.59
N SER A 12 18.05 -5.59 10.30
CA SER A 12 18.85 -6.60 9.64
C SER A 12 18.00 -7.35 8.62
N GLY A 13 16.80 -7.72 9.02
CA GLY A 13 15.89 -8.44 8.16
C GLY A 13 14.44 -8.24 8.53
N LYS A 14 13.56 -8.53 7.57
CA LYS A 14 12.13 -8.41 7.77
C LYS A 14 11.65 -9.09 9.05
N VAL A 15 12.29 -10.22 9.39
CA VAL A 15 11.89 -10.97 10.57
C VAL A 15 12.30 -10.26 11.84
N ASP A 16 13.53 -9.75 11.87
CA ASP A 16 14.05 -9.08 13.05
C ASP A 16 13.14 -7.96 13.52
N PHE A 17 12.44 -7.33 12.58
CA PHE A 17 11.45 -6.34 12.92
C PHE A 17 10.27 -6.98 13.64
N LEU A 18 9.64 -7.93 12.96
CA LEU A 18 8.43 -8.56 13.47
C LEU A 18 8.68 -9.14 14.86
N LEU A 19 9.74 -9.94 14.97
CA LEU A 19 10.10 -10.58 16.23
C LEU A 19 10.23 -9.60 17.39
N SER A 20 10.79 -8.44 17.09
CA SER A 20 10.91 -7.40 18.11
C SER A 20 9.54 -6.95 18.58
N VAL A 21 8.69 -6.60 17.63
CA VAL A 21 7.33 -6.14 17.94
C VAL A 21 6.51 -7.22 18.60
N ILE A 22 6.66 -8.46 18.13
CA ILE A 22 5.95 -9.58 18.74
C ILE A 22 6.43 -9.78 20.17
N GLY A 23 7.74 -9.68 20.34
CA GLY A 23 8.37 -9.88 21.63
C GLY A 23 7.96 -8.77 22.57
N PHE A 24 8.08 -7.55 22.08
CA PHE A 24 7.72 -6.36 22.85
C PHE A 24 6.28 -6.44 23.34
N ALA A 25 5.39 -6.78 22.42
CA ALA A 25 3.96 -6.79 22.68
C ALA A 25 3.51 -7.96 23.54
N VAL A 26 4.41 -8.92 23.76
CA VAL A 26 4.07 -10.09 24.55
C VAL A 26 4.77 -10.09 25.89
N ASP A 27 3.99 -10.26 26.94
CA ASP A 27 4.50 -10.25 28.30
C ASP A 27 3.50 -10.94 29.19
N LEU A 28 3.74 -10.84 30.49
CA LEU A 28 2.91 -11.54 31.47
C LEU A 28 1.47 -11.05 31.50
N ALA A 29 1.16 -9.99 30.76
CA ALA A 29 -0.22 -9.52 30.69
C ALA A 29 -1.02 -10.49 29.86
N ASN A 30 -0.32 -11.18 28.96
CA ASN A 30 -0.92 -12.19 28.11
C ASN A 30 -1.24 -13.43 28.91
N VAL A 31 -0.36 -13.76 29.83
CA VAL A 31 -0.59 -14.86 30.73
C VAL A 31 -1.61 -14.62 31.82
N TRP A 32 -1.36 -13.61 32.64
CA TRP A 32 -2.07 -13.53 33.90
C TRP A 32 -3.28 -12.64 33.95
N ARG A 33 -3.62 -11.97 32.87
CA ARG A 33 -4.86 -11.22 32.83
C ARG A 33 -5.81 -11.68 31.74
N PHE A 34 -5.24 -12.24 30.67
CA PHE A 34 -6.06 -12.79 29.60
C PHE A 34 -6.83 -14.04 30.01
N PRO A 35 -6.09 -14.98 30.76
CA PRO A 35 -6.88 -16.18 31.13
C PRO A 35 -8.01 -15.85 32.10
N TYR A 36 -7.70 -14.98 33.06
CA TYR A 36 -8.59 -14.69 34.18
C TYR A 36 -9.83 -13.94 33.70
N LEU A 37 -9.69 -13.17 32.63
CA LEU A 37 -10.80 -12.42 32.07
C LEU A 37 -11.84 -13.35 31.45
N CYS A 38 -11.39 -14.33 30.67
CA CYS A 38 -12.31 -15.26 30.03
C CYS A 38 -13.06 -16.05 31.09
N TYR A 39 -12.37 -16.37 32.17
CA TYR A 39 -12.97 -17.10 33.29
C TYR A 39 -14.08 -16.33 33.99
N LYS A 40 -13.77 -15.14 34.51
CA LYS A 40 -14.73 -14.38 35.29
C LYS A 40 -15.76 -13.65 34.43
N ASN A 41 -15.42 -13.44 33.17
CA ASN A 41 -16.32 -12.76 32.22
C ASN A 41 -17.18 -13.72 31.42
N GLY A 42 -17.16 -14.99 31.82
CA GLY A 42 -18.00 -16.00 31.19
C GLY A 42 -17.50 -16.61 29.90
N GLY A 43 -16.25 -17.08 29.92
CA GLY A 43 -15.74 -18.00 28.92
C GLY A 43 -15.61 -17.47 27.51
N GLY A 44 -15.71 -18.37 26.53
CA GLY A 44 -15.55 -18.03 25.13
C GLY A 44 -16.49 -16.92 24.71
N ALA A 45 -17.57 -16.74 25.47
CA ALA A 45 -18.48 -15.62 25.27
C ALA A 45 -17.73 -14.31 25.33
N PHE A 46 -16.80 -14.24 26.27
CA PHE A 46 -15.93 -13.08 26.42
C PHE A 46 -15.18 -12.74 25.15
N LEU A 47 -14.89 -13.77 24.34
CA LEU A 47 -14.13 -13.55 23.12
C LEU A 47 -14.93 -12.74 22.11
N VAL A 48 -16.24 -12.66 22.28
CA VAL A 48 -17.03 -11.77 21.43
C VAL A 48 -16.67 -10.31 21.66
N PRO A 49 -16.82 -9.84 22.91
CA PRO A 49 -16.49 -8.44 23.19
C PRO A 49 -14.99 -8.18 23.07
N TYR A 50 -14.18 -9.19 23.37
CA TYR A 50 -12.74 -9.08 23.17
C TYR A 50 -12.47 -8.92 21.68
N GLY A 51 -13.21 -9.65 20.87
CA GLY A 51 -13.08 -9.56 19.43
C GLY A 51 -13.48 -8.20 18.87
N ILE A 52 -14.66 -7.72 19.26
CA ILE A 52 -15.15 -6.45 18.75
C ILE A 52 -14.22 -5.32 19.15
N MET A 53 -13.88 -5.26 20.43
CA MET A 53 -13.00 -4.22 20.93
C MET A 53 -11.64 -4.24 20.25
N LEU A 54 -11.19 -5.43 19.87
CA LEU A 54 -9.94 -5.57 19.16
C LEU A 54 -10.12 -5.05 17.74
N ALA A 55 -11.23 -5.43 17.12
CA ALA A 55 -11.48 -5.09 15.72
C ALA A 55 -11.59 -3.59 15.52
N VAL A 56 -12.57 -2.98 16.16
CA VAL A 56 -12.79 -1.54 15.99
C VAL A 56 -11.82 -0.67 16.80
N GLY A 57 -11.71 -0.90 18.11
CA GLY A 57 -10.87 -0.09 18.96
C GLY A 57 -9.37 -0.35 19.02
N GLY A 58 -9.00 -1.60 19.24
CA GLY A 58 -7.64 -1.93 19.59
C GLY A 58 -6.61 -1.85 18.48
N ILE A 59 -6.88 -2.54 17.38
CA ILE A 59 -5.93 -2.66 16.27
C ILE A 59 -5.68 -1.35 15.49
N PRO A 60 -6.76 -0.60 15.18
CA PRO A 60 -6.61 0.68 14.48
C PRO A 60 -5.55 1.57 15.12
N LEU A 61 -5.46 1.56 16.44
CA LEU A 61 -4.43 2.34 17.15
C LEU A 61 -3.07 1.71 16.97
N PHE A 62 -3.01 0.40 17.17
CA PHE A 62 -1.79 -0.37 16.99
C PHE A 62 -1.24 -0.16 15.57
N TYR A 63 -2.16 -0.01 14.63
CA TYR A 63 -1.85 0.22 13.23
C TYR A 63 -1.34 1.63 13.00
N MET A 64 -1.95 2.59 13.70
CA MET A 64 -1.61 4.00 13.51
C MET A 64 -0.22 4.31 14.01
N GLU A 65 0.13 3.78 15.18
CA GLU A 65 1.44 4.04 15.75
C GLU A 65 2.56 3.40 14.90
N LEU A 66 2.25 2.28 14.27
CA LEU A 66 3.24 1.60 13.44
C LEU A 66 3.43 2.26 12.08
N ALA A 67 2.34 2.80 11.55
CA ALA A 67 2.38 3.48 10.26
C ALA A 67 3.22 4.75 10.34
N LEU A 68 2.89 5.61 11.31
CA LEU A 68 3.66 6.83 11.57
C LEU A 68 5.13 6.52 11.78
N GLY A 69 5.41 5.36 12.38
CA GLY A 69 6.77 4.98 12.68
C GLY A 69 7.67 4.97 11.46
N GLN A 70 7.25 4.25 10.43
CA GLN A 70 8.10 4.05 9.26
C GLN A 70 7.94 5.17 8.24
N HIS A 71 6.89 5.97 8.40
CA HIS A 71 6.64 7.08 7.49
C HIS A 71 7.44 8.33 7.87
N ASN A 72 7.19 8.86 9.07
CA ASN A 72 7.92 10.02 9.55
C ASN A 72 9.37 9.68 9.88
N ARG A 73 9.67 8.39 9.91
CA ARG A 73 11.04 7.91 9.82
C ARG A 73 11.93 8.19 11.04
N LYS A 74 11.38 8.85 12.06
CA LYS A 74 12.18 9.12 13.26
C LYS A 74 11.44 8.88 14.58
N GLY A 75 12.14 9.11 15.69
CA GLY A 75 11.66 8.84 17.03
C GLY A 75 10.43 9.60 17.45
N ALA A 76 9.88 9.19 18.60
CA ALA A 76 8.57 9.65 19.08
C ALA A 76 8.40 11.15 19.09
N ILE A 77 9.39 11.84 19.65
CA ILE A 77 9.42 13.30 19.67
C ILE A 77 9.35 13.87 18.26
N THR A 78 10.43 13.66 17.53
CA THR A 78 10.56 14.11 16.16
C THR A 78 9.39 13.68 15.28
N CYS A 79 8.80 12.53 15.58
CA CYS A 79 7.68 12.04 14.78
C CYS A 79 6.46 12.90 15.05
N TRP A 80 6.30 13.33 16.29
CA TRP A 80 5.25 14.26 16.66
C TRP A 80 5.73 15.70 16.50
N GLY A 81 7.03 15.88 16.37
CA GLY A 81 7.57 17.18 16.03
C GLY A 81 7.23 17.46 14.58
N ARG A 82 7.53 16.50 13.71
CA ARG A 82 7.46 16.72 12.27
C ARG A 82 6.04 16.60 11.75
N LEU A 83 5.11 16.31 12.64
CA LEU A 83 3.71 16.12 12.27
C LEU A 83 2.86 17.34 12.65
N VAL A 84 2.72 17.56 13.96
CA VAL A 84 2.01 18.72 14.45
C VAL A 84 2.77 19.33 15.64
N PRO A 85 3.70 20.25 15.33
CA PRO A 85 4.67 20.85 16.26
C PRO A 85 4.02 21.56 17.45
N LEU A 86 2.75 21.94 17.32
CA LEU A 86 2.00 22.41 18.48
C LEU A 86 2.02 21.30 19.53
N PHE A 87 1.76 20.09 19.05
CA PHE A 87 1.60 18.90 19.88
C PHE A 87 2.87 18.08 20.06
N LYS A 88 3.99 18.64 19.61
CA LYS A 88 5.27 17.96 19.72
C LYS A 88 5.50 17.45 21.14
N GLY A 89 4.86 18.10 22.11
CA GLY A 89 4.90 17.66 23.49
C GLY A 89 4.45 16.22 23.69
N ILE A 90 3.60 15.73 22.78
CA ILE A 90 3.14 14.34 22.85
C ILE A 90 4.32 13.37 22.80
N GLY A 91 5.26 13.64 21.90
CA GLY A 91 6.51 12.89 21.83
C GLY A 91 7.23 12.84 23.17
N TYR A 92 7.34 13.99 23.83
CA TYR A 92 8.01 14.05 25.13
C TYR A 92 7.31 13.20 26.16
N ALA A 93 6.01 13.43 26.30
CA ALA A 93 5.20 12.74 27.29
C ALA A 93 5.40 11.25 27.22
N VAL A 94 5.18 10.73 26.02
CA VAL A 94 5.27 9.30 25.74
C VAL A 94 6.60 8.69 26.18
N VAL A 95 7.68 9.39 25.89
CA VAL A 95 8.99 8.84 26.20
C VAL A 95 9.28 8.74 27.69
N LEU A 96 8.95 9.77 28.45
CA LEU A 96 9.28 9.74 29.87
C LEU A 96 8.36 8.76 30.59
N ILE A 97 7.23 8.43 29.96
CA ILE A 97 6.41 7.34 30.45
C ILE A 97 7.21 6.04 30.36
N ALA A 98 7.76 5.79 29.17
CA ALA A 98 8.62 4.64 28.97
C ALA A 98 9.78 4.69 29.95
N PHE A 99 10.26 5.91 30.20
CA PHE A 99 11.33 6.13 31.15
C PHE A 99 10.94 5.70 32.57
N TYR A 100 9.74 6.11 32.97
CA TYR A 100 9.21 5.79 34.28
C TYR A 100 9.10 4.28 34.50
N VAL A 101 8.43 3.63 33.58
CA VAL A 101 8.11 2.20 33.70
C VAL A 101 9.36 1.38 34.02
N GLY A 102 10.49 1.80 33.47
CA GLY A 102 11.74 1.09 33.67
C GLY A 102 12.18 1.05 35.12
N PHE A 103 11.58 1.89 35.95
CA PHE A 103 11.91 1.89 37.36
C PHE A 103 11.29 0.73 38.11
N TYR A 104 10.30 0.09 37.49
CA TYR A 104 9.61 -1.02 38.14
C TYR A 104 9.52 -2.27 37.26
N TYR A 105 9.05 -2.12 36.04
CA TYR A 105 8.64 -3.26 35.24
C TYR A 105 9.77 -4.25 35.11
N ASN A 106 10.98 -3.76 35.01
CA ASN A 106 12.12 -4.63 34.78
C ASN A 106 12.41 -5.49 36.00
N VAL A 107 11.79 -5.15 37.11
CA VAL A 107 12.00 -5.88 38.36
C VAL A 107 11.48 -7.32 38.28
N ILE A 108 10.44 -7.52 37.49
CA ILE A 108 9.82 -8.83 37.37
C ILE A 108 10.79 -9.92 36.94
N ILE A 109 11.60 -9.61 35.93
CA ILE A 109 12.53 -10.59 35.38
C ILE A 109 13.59 -10.94 36.42
N ALA A 110 13.76 -10.05 37.40
CA ALA A 110 14.67 -10.31 38.50
C ALA A 110 14.06 -11.34 39.45
N TRP A 111 12.75 -11.25 39.69
CA TRP A 111 12.04 -12.26 40.47
C TRP A 111 12.06 -13.62 39.79
N SER A 112 11.84 -13.61 38.47
CA SER A 112 11.87 -14.81 37.66
C SER A 112 13.23 -15.50 37.74
N LEU A 113 14.31 -14.73 37.64
CA LEU A 113 15.65 -15.29 37.69
C LEU A 113 15.99 -15.73 39.10
N ARG A 114 15.39 -15.09 40.09
CA ARG A 114 15.63 -15.48 41.47
C ARG A 114 14.95 -16.81 41.74
N PHE A 115 13.75 -16.95 41.19
CA PHE A 115 13.06 -18.23 41.25
C PHE A 115 13.85 -19.27 40.45
N PHE A 116 14.20 -18.91 39.23
CA PHE A 116 15.00 -19.76 38.37
C PHE A 116 16.25 -20.25 39.09
N PHE A 117 17.03 -19.32 39.62
CA PHE A 117 18.21 -19.66 40.41
C PHE A 117 17.85 -20.50 41.62
N ALA A 118 16.60 -20.37 42.07
CA ALA A 118 16.14 -21.08 43.25
C ALA A 118 15.54 -22.43 42.86
N SER A 119 15.53 -22.71 41.57
CA SER A 119 14.86 -23.89 41.04
C SER A 119 15.82 -25.05 40.82
N PHE A 120 17.08 -24.87 41.19
CA PHE A 120 18.04 -25.94 41.00
C PHE A 120 18.07 -26.81 42.24
N THR A 121 17.44 -27.98 42.15
CA THR A 121 17.43 -28.94 43.25
C THR A 121 16.49 -30.11 42.97
N ASN A 122 16.64 -31.17 43.75
CA ASN A 122 15.76 -32.32 43.66
C ASN A 122 14.44 -32.04 44.37
N SER A 123 14.49 -31.29 45.46
CA SER A 123 13.30 -31.01 46.26
C SER A 123 13.01 -29.52 46.32
N LEU A 124 11.90 -29.12 45.73
CA LEU A 124 11.49 -27.73 45.69
C LEU A 124 11.14 -27.20 47.07
N PRO A 125 11.62 -25.99 47.37
CA PRO A 125 11.44 -25.33 48.69
C PRO A 125 9.99 -24.96 49.02
N TRP A 126 9.20 -24.55 48.03
CA TRP A 126 7.93 -23.89 48.32
C TRP A 126 6.75 -24.83 48.47
N THR A 127 7.02 -26.13 48.48
CA THR A 127 5.96 -27.11 48.69
C THR A 127 5.69 -27.35 50.18
N SER A 128 6.63 -26.96 51.02
CA SER A 128 6.62 -27.34 52.42
C SER A 128 6.11 -26.23 53.32
N CYS A 129 5.31 -26.62 54.32
CA CYS A 129 4.84 -25.68 55.33
C CYS A 129 5.68 -25.72 56.59
N ASN A 130 6.68 -26.60 56.63
CA ASN A 130 7.46 -26.79 57.86
C ASN A 130 8.77 -25.99 57.92
N ASN A 131 9.02 -25.15 56.92
CA ASN A 131 10.25 -24.36 56.89
C ASN A 131 10.26 -23.21 57.89
N ILE A 132 11.38 -22.48 57.93
CA ILE A 132 11.58 -21.41 58.89
C ILE A 132 10.71 -20.18 58.63
N TRP A 133 10.40 -19.95 57.37
CA TRP A 133 9.63 -18.77 56.98
C TRP A 133 8.13 -19.00 57.08
N ASN A 134 7.74 -20.22 57.39
CA ASN A 134 6.34 -20.58 57.52
C ASN A 134 5.70 -20.17 58.84
N THR A 135 4.40 -19.95 58.82
CA THR A 135 3.65 -19.61 60.01
C THR A 135 2.47 -20.56 60.15
N PRO A 136 1.89 -20.62 61.36
CA PRO A 136 0.76 -21.50 61.65
C PRO A 136 -0.44 -21.26 60.73
N ASN A 137 -0.42 -20.14 60.01
CA ASN A 137 -1.50 -19.80 59.09
C ASN A 137 -1.37 -20.54 57.76
N CYS A 138 -0.27 -21.29 57.62
CA CYS A 138 0.09 -21.90 56.35
C CYS A 138 -0.67 -23.18 56.02
N ARG A 139 -0.91 -23.40 54.74
CA ARG A 139 -1.49 -24.65 54.25
C ARG A 139 -0.73 -25.07 53.00
N PRO A 140 -0.79 -26.36 52.66
CA PRO A 140 -0.03 -26.88 51.52
C PRO A 140 -0.52 -26.33 50.18
N PHE A 141 -1.80 -25.97 50.09
CA PHE A 141 -2.31 -25.36 48.86
C PHE A 141 -3.32 -24.27 49.16
N GLU A 142 -3.80 -23.62 48.11
CA GLU A 142 -4.62 -22.42 48.27
C GLU A 142 -5.96 -22.71 48.93
N SER A 143 -6.21 -22.07 50.06
CA SER A 143 -7.42 -22.33 50.83
C SER A 143 -8.03 -21.05 51.37
N GLN A 144 -9.35 -21.01 51.41
CA GLN A 144 -10.07 -19.88 51.94
C GLN A 144 -9.76 -19.67 53.42
N GLY A 145 -9.13 -18.54 53.75
CA GLY A 145 -8.86 -18.23 55.14
C GLY A 145 -7.49 -18.65 55.63
N PHE A 146 -6.71 -19.26 54.75
CA PHE A 146 -5.37 -19.73 55.10
C PHE A 146 -4.36 -19.30 54.06
N GLN A 147 -3.08 -19.42 54.39
CA GLN A 147 -2.03 -19.02 53.47
C GLN A 147 -1.29 -20.21 52.87
N SER A 148 -1.36 -20.35 51.55
CA SER A 148 -0.67 -21.40 50.81
C SER A 148 0.84 -21.32 51.03
N ALA A 149 1.48 -22.49 51.07
CA ALA A 149 2.92 -22.55 51.25
C ALA A 149 3.62 -22.01 50.03
N ALA A 150 2.88 -21.88 48.93
CA ALA A 150 3.40 -21.29 47.71
C ALA A 150 3.36 -19.77 47.80
N SER A 151 2.42 -19.25 48.58
CA SER A 151 2.34 -17.82 48.85
C SER A 151 3.32 -17.42 49.95
N GLU A 152 3.41 -18.23 50.99
CA GLU A 152 4.26 -17.92 52.13
C GLU A 152 5.73 -18.00 51.75
N TYR A 153 6.02 -18.68 50.67
CA TYR A 153 7.39 -18.70 50.16
C TYR A 153 7.69 -17.38 49.50
N PHE A 154 6.78 -16.97 48.63
CA PHE A 154 6.94 -15.78 47.82
C PHE A 154 7.02 -14.50 48.65
N ASN A 155 6.32 -14.48 49.79
CA ASN A 155 6.28 -13.26 50.61
C ASN A 155 7.30 -13.28 51.73
N ARG A 156 7.17 -14.23 52.65
CA ARG A 156 8.03 -14.23 53.84
C ARG A 156 9.51 -14.52 53.56
N TYR A 157 9.81 -15.13 52.41
CA TYR A 157 11.19 -15.47 52.07
C TYR A 157 11.76 -14.68 50.90
N ILE A 158 11.18 -14.84 49.72
CA ILE A 158 11.64 -14.13 48.53
C ILE A 158 11.62 -12.61 48.70
N LEU A 159 10.43 -12.05 48.87
CA LEU A 159 10.29 -10.60 49.02
C LEU A 159 10.61 -10.08 50.43
N GLU A 160 10.31 -10.87 51.45
CA GLU A 160 10.41 -10.43 52.85
C GLU A 160 9.44 -9.27 53.13
N LEU A 161 8.36 -9.25 52.37
CA LEU A 161 7.37 -8.19 52.42
C LEU A 161 6.65 -8.09 53.76
N ASN A 162 6.82 -9.11 54.61
CA ASN A 162 6.18 -9.10 55.92
C ASN A 162 6.91 -8.16 56.86
N ARG A 163 8.17 -7.91 56.54
CA ARG A 163 9.04 -7.06 57.34
C ARG A 163 8.83 -5.58 57.01
N SER A 164 7.92 -5.31 56.08
CA SER A 164 7.58 -3.94 55.70
C SER A 164 6.22 -3.55 56.26
N GLU A 165 6.16 -2.37 56.88
CA GLU A 165 4.93 -1.91 57.52
C GLU A 165 4.09 -1.08 56.56
N GLY A 166 4.67 -0.77 55.41
CA GLY A 166 3.99 0.02 54.41
C GLY A 166 5.04 0.51 53.44
N ILE A 167 4.71 1.55 52.70
CA ILE A 167 5.65 2.11 51.73
C ILE A 167 6.67 3.02 52.41
N HIS A 168 6.25 3.60 53.52
CA HIS A 168 7.10 4.49 54.30
C HIS A 168 8.34 3.76 54.80
N ASP A 169 8.18 2.46 55.04
CA ASP A 169 9.30 1.64 55.46
C ASP A 169 9.62 0.65 54.36
N LEU A 170 10.72 0.89 53.66
CA LEU A 170 11.19 -0.04 52.66
C LEU A 170 11.97 -1.16 53.32
N GLY A 171 12.77 -0.81 54.31
CA GLY A 171 13.61 -1.77 54.98
C GLY A 171 14.94 -1.90 54.26
N ALA A 172 15.61 -3.04 54.47
CA ALA A 172 16.93 -3.27 53.89
C ALA A 172 16.85 -3.66 52.42
N ILE A 173 17.90 -3.38 51.67
CA ILE A 173 17.94 -3.80 50.28
C ILE A 173 18.28 -5.28 50.23
N LYS A 174 17.54 -6.03 49.43
CA LYS A 174 17.78 -7.47 49.31
C LYS A 174 18.74 -7.70 48.16
N TRP A 175 19.96 -8.09 48.49
CA TRP A 175 21.04 -8.08 47.50
C TRP A 175 20.98 -9.29 46.58
N ASP A 176 20.37 -10.38 47.04
CA ASP A 176 20.19 -11.53 46.18
C ASP A 176 19.32 -11.10 45.00
N MET A 177 18.45 -10.14 45.27
CA MET A 177 17.63 -9.52 44.23
C MET A 177 18.49 -8.57 43.43
N ALA A 178 19.30 -7.80 44.15
CA ALA A 178 20.17 -6.79 43.55
C ALA A 178 20.93 -7.32 42.34
N LEU A 179 21.80 -8.31 42.55
CA LEU A 179 22.58 -8.85 41.45
C LEU A 179 21.68 -9.52 40.43
N CYS A 180 20.47 -9.89 40.85
CA CYS A 180 19.50 -10.44 39.92
C CYS A 180 19.00 -9.35 38.99
N LEU A 181 18.70 -8.19 39.55
CA LEU A 181 18.24 -7.06 38.75
C LEU A 181 19.36 -6.54 37.85
N LEU A 182 20.57 -6.50 38.39
CA LEU A 182 21.75 -6.11 37.64
C LEU A 182 21.98 -7.04 36.45
N ILE A 183 21.85 -8.34 36.68
CA ILE A 183 21.93 -9.33 35.60
C ILE A 183 20.96 -9.01 34.47
N VAL A 184 19.77 -8.57 34.85
CA VAL A 184 18.78 -8.18 33.87
C VAL A 184 19.28 -7.00 33.03
N TYR A 185 19.88 -6.02 33.69
CA TYR A 185 20.35 -4.83 32.98
C TYR A 185 21.60 -5.11 32.15
N LEU A 186 22.45 -6.01 32.64
CA LEU A 186 23.60 -6.44 31.84
C LEU A 186 23.14 -7.17 30.60
N ILE A 187 21.96 -7.77 30.68
CA ILE A 187 21.35 -8.39 29.52
C ILE A 187 20.66 -7.36 28.64
N CYS A 188 19.87 -6.48 29.23
CA CYS A 188 19.18 -5.47 28.46
C CYS A 188 20.19 -4.51 27.84
N TYR A 189 21.28 -4.27 28.55
CA TYR A 189 22.38 -3.47 28.03
C TYR A 189 22.88 -4.09 26.73
N PHE A 190 23.51 -5.26 26.86
CA PHE A 190 24.17 -5.91 25.72
C PHE A 190 23.23 -6.29 24.59
N SER A 191 21.93 -6.26 24.86
CA SER A 191 20.95 -6.46 23.81
C SER A 191 20.80 -5.16 23.01
N LEU A 192 20.70 -4.05 23.75
CA LEU A 192 20.59 -2.72 23.17
C LEU A 192 21.96 -2.08 23.01
N TRP A 193 22.96 -2.76 23.54
CA TRP A 193 24.32 -2.26 23.63
C TRP A 193 24.83 -1.71 22.31
N LYS A 194 24.59 -2.44 21.21
CA LYS A 194 24.89 -1.89 19.91
C LYS A 194 23.74 -2.01 18.92
N GLY A 195 23.15 -0.86 18.59
CA GLY A 195 22.23 -0.74 17.48
C GLY A 195 21.02 -1.67 17.52
N ILE A 196 20.33 -1.76 16.38
CA ILE A 196 19.32 -2.78 16.16
C ILE A 196 19.97 -3.95 15.45
N SER A 197 21.28 -3.85 15.25
CA SER A 197 22.05 -4.92 14.64
C SER A 197 22.12 -6.14 15.56
N THR A 198 22.02 -5.91 16.86
CA THR A 198 22.02 -6.99 17.85
C THR A 198 20.60 -7.31 18.28
N SER A 199 19.95 -6.32 18.88
CA SER A 199 18.60 -6.44 19.40
C SER A 199 17.62 -7.10 18.41
N GLY A 200 17.72 -6.73 17.15
CA GLY A 200 16.88 -7.32 16.13
C GLY A 200 17.12 -8.81 16.00
N LYS A 201 18.36 -9.21 16.22
CA LYS A 201 18.75 -10.63 16.19
C LYS A 201 18.41 -11.34 17.50
N VAL A 202 18.61 -10.66 18.62
CA VAL A 202 18.40 -11.26 19.94
C VAL A 202 16.96 -11.71 20.18
N VAL A 203 16.01 -10.94 19.64
CA VAL A 203 14.60 -11.22 19.85
C VAL A 203 14.23 -12.60 19.35
N TRP A 204 15.06 -13.16 18.48
CA TRP A 204 14.78 -14.48 17.94
C TRP A 204 14.72 -15.49 19.06
N PHE A 205 15.43 -15.22 20.15
CA PHE A 205 15.35 -16.08 21.31
C PHE A 205 14.14 -15.71 22.16
N THR A 206 14.16 -14.49 22.69
CA THR A 206 13.17 -14.01 23.65
C THR A 206 11.73 -14.02 23.14
N ALA A 207 11.55 -13.77 21.84
CA ALA A 207 10.22 -13.74 21.25
C ALA A 207 9.76 -15.14 20.83
N LEU A 208 10.69 -16.09 20.88
CA LEU A 208 10.44 -17.45 20.44
C LEU A 208 10.40 -18.45 21.59
N PHE A 209 11.48 -18.49 22.37
CA PHE A 209 11.66 -19.46 23.45
C PHE A 209 10.41 -19.78 24.27
N PRO A 210 9.60 -18.76 24.61
CA PRO A 210 8.32 -18.97 25.29
C PRO A 210 7.39 -19.88 24.50
N TYR A 211 7.29 -19.66 23.19
CA TYR A 211 6.47 -20.50 22.32
C TYR A 211 6.89 -21.96 22.36
N ALA A 212 8.18 -22.17 22.58
CA ALA A 212 8.68 -23.51 22.80
C ALA A 212 8.19 -24.05 24.15
N VAL A 213 8.47 -23.29 25.20
CA VAL A 213 8.11 -23.70 26.56
C VAL A 213 6.60 -23.73 26.74
N LEU A 214 5.90 -22.91 25.97
CA LEU A 214 4.44 -22.92 26.00
C LEU A 214 3.94 -24.26 25.52
N LEU A 215 4.68 -24.86 24.59
CA LEU A 215 4.25 -26.11 24.00
C LEU A 215 4.39 -27.26 24.99
N ILE A 216 5.60 -27.44 25.52
CA ILE A 216 5.88 -28.60 26.35
C ILE A 216 5.17 -28.48 27.70
N LEU A 217 4.78 -27.26 28.05
CA LEU A 217 3.85 -27.04 29.17
C LEU A 217 2.41 -27.23 28.73
N LEU A 218 2.14 -26.99 27.45
CA LEU A 218 0.79 -27.11 26.94
C LEU A 218 0.34 -28.56 26.95
N ILE A 219 1.25 -29.45 26.56
CA ILE A 219 0.95 -30.88 26.52
C ILE A 219 0.98 -31.46 27.93
N ARG A 220 2.00 -31.05 28.70
CA ARG A 220 2.18 -31.51 30.06
C ARG A 220 0.99 -31.12 30.91
N GLY A 221 0.36 -30.01 30.55
CA GLY A 221 -0.81 -29.54 31.27
C GLY A 221 -2.08 -30.28 30.87
N LEU A 222 -2.14 -30.70 29.62
CA LEU A 222 -3.34 -31.40 29.11
C LEU A 222 -3.30 -32.90 29.37
N THR A 223 -2.12 -33.42 29.71
CA THR A 223 -1.98 -34.82 30.05
C THR A 223 -2.45 -35.08 31.48
N LEU A 224 -2.38 -34.05 32.32
CA LEU A 224 -2.78 -34.16 33.72
C LEU A 224 -4.25 -34.55 33.86
N PRO A 225 -4.59 -35.20 34.98
CA PRO A 225 -5.92 -35.77 35.27
C PRO A 225 -7.10 -34.82 35.08
N GLY A 226 -7.03 -33.61 35.61
CA GLY A 226 -8.20 -32.74 35.58
C GLY A 226 -8.18 -31.68 34.50
N SER A 227 -7.25 -31.81 33.57
CA SER A 227 -7.07 -30.78 32.55
C SER A 227 -8.32 -30.60 31.70
N PHE A 228 -8.98 -31.71 31.37
CA PHE A 228 -10.19 -31.65 30.55
C PHE A 228 -11.28 -30.86 31.25
N LEU A 229 -11.15 -30.72 32.57
CA LEU A 229 -12.08 -29.93 33.37
C LEU A 229 -11.79 -28.42 33.32
N GLY A 230 -10.54 -28.07 33.55
CA GLY A 230 -10.13 -26.68 33.67
C GLY A 230 -10.43 -25.89 32.42
N ILE A 231 -10.28 -26.53 31.27
CA ILE A 231 -10.58 -25.89 30.00
C ILE A 231 -12.05 -25.51 29.93
N GLN A 232 -12.87 -26.27 30.65
CA GLN A 232 -14.29 -25.97 30.69
C GLN A 232 -14.49 -24.69 31.47
N TYR A 233 -13.76 -24.53 32.57
CA TYR A 233 -13.82 -23.31 33.36
C TYR A 233 -13.47 -22.10 32.51
N TYR A 234 -12.37 -22.23 31.79
CA TYR A 234 -11.84 -21.19 30.91
C TYR A 234 -12.87 -20.76 29.86
N LEU A 235 -13.34 -21.71 29.06
CA LEU A 235 -14.21 -21.38 27.93
C LEU A 235 -15.72 -21.59 28.09
N THR A 236 -16.18 -22.11 29.22
CA THR A 236 -17.62 -22.38 29.34
C THR A 236 -18.43 -21.10 29.25
N PRO A 237 -19.23 -20.98 28.18
CA PRO A 237 -19.95 -19.76 27.81
C PRO A 237 -21.08 -19.39 28.75
N ASN A 238 -21.14 -18.11 29.13
CA ASN A 238 -22.33 -17.52 29.74
C ASN A 238 -22.59 -16.19 29.06
N PHE A 239 -23.69 -16.08 28.34
CA PHE A 239 -23.86 -14.95 27.44
C PHE A 239 -24.60 -13.80 28.09
N SER A 240 -24.90 -13.93 29.37
CA SER A 240 -25.48 -12.82 30.11
C SER A 240 -24.47 -11.67 30.21
N ALA A 241 -23.18 -12.02 30.20
CA ALA A 241 -22.12 -11.02 30.32
C ALA A 241 -22.11 -10.06 29.14
N ILE A 242 -22.62 -10.52 28.01
CA ILE A 242 -22.72 -9.68 26.82
C ILE A 242 -23.49 -8.41 27.16
N TYR A 243 -24.39 -8.52 28.13
CA TYR A 243 -25.20 -7.39 28.56
C TYR A 243 -24.55 -6.64 29.73
N LYS A 244 -23.42 -7.16 30.22
CA LYS A 244 -22.73 -6.55 31.36
C LYS A 244 -21.75 -5.47 30.93
N ALA A 245 -21.93 -4.26 31.47
CA ALA A 245 -21.07 -3.14 31.15
C ALA A 245 -19.62 -3.46 31.48
N GLU A 246 -19.39 -3.87 32.73
CA GLU A 246 -18.04 -4.15 33.23
C GLU A 246 -17.32 -5.23 32.45
N VAL A 247 -18.02 -5.97 31.60
CA VAL A 247 -17.36 -6.97 30.77
C VAL A 247 -16.69 -6.32 29.56
N TRP A 248 -17.37 -5.36 28.95
CA TRP A 248 -16.80 -4.64 27.82
C TRP A 248 -15.66 -3.74 28.30
N VAL A 249 -15.73 -3.32 29.56
CA VAL A 249 -14.66 -2.52 30.14
C VAL A 249 -13.38 -3.33 30.26
N ASP A 250 -13.47 -4.51 30.87
CA ASP A 250 -12.32 -5.40 31.00
C ASP A 250 -11.76 -5.77 29.64
N ALA A 251 -12.66 -6.15 28.73
CA ALA A 251 -12.28 -6.59 27.39
C ALA A 251 -11.67 -5.46 26.57
N ALA A 252 -12.31 -4.30 26.61
CA ALA A 252 -11.80 -3.13 25.90
C ALA A 252 -10.46 -2.70 26.48
N THR A 253 -10.36 -2.72 27.80
CA THR A 253 -9.12 -2.36 28.46
C THR A 253 -8.01 -3.33 28.10
N GLN A 254 -8.32 -4.62 28.14
CA GLN A 254 -7.35 -5.64 27.79
C GLN A 254 -6.90 -5.44 26.35
N VAL A 255 -7.87 -5.35 25.45
CA VAL A 255 -7.61 -5.16 24.04
C VAL A 255 -6.68 -3.98 23.81
N PHE A 256 -6.96 -2.88 24.50
CA PHE A 256 -6.17 -1.67 24.37
C PHE A 256 -4.81 -1.74 25.07
N PHE A 257 -4.82 -2.12 26.34
CA PHE A 257 -3.59 -2.12 27.12
C PHE A 257 -2.58 -3.17 26.66
N SER A 258 -3.08 -4.24 26.07
CA SER A 258 -2.20 -5.35 25.67
C SER A 258 -1.44 -5.10 24.37
N LEU A 259 -2.06 -4.37 23.45
CA LEU A 259 -1.43 -4.13 22.15
C LEU A 259 -0.24 -3.17 22.26
N GLY A 260 -0.35 -2.19 23.16
CA GLY A 260 0.79 -1.35 23.51
C GLY A 260 1.10 -0.04 22.77
N PRO A 261 0.09 0.62 22.21
CA PRO A 261 0.40 1.95 21.68
C PRO A 261 0.48 2.99 22.80
N GLY A 262 1.24 4.08 22.59
CA GLY A 262 1.34 5.13 23.59
C GLY A 262 2.68 5.22 24.33
N PHE A 263 3.52 4.21 24.17
CA PHE A 263 4.86 4.26 24.76
C PHE A 263 5.88 4.72 23.73
N GLY A 264 5.38 5.05 22.54
CA GLY A 264 6.20 5.57 21.47
C GLY A 264 7.15 4.54 20.91
N VAL A 265 6.89 3.26 21.20
CA VAL A 265 7.78 2.19 20.76
C VAL A 265 7.51 1.77 19.32
N LEU A 266 6.29 1.30 19.06
CA LEU A 266 5.89 0.89 17.73
C LEU A 266 6.26 1.96 16.72
N LEU A 267 6.14 3.21 17.18
CA LEU A 267 6.57 4.37 16.43
C LEU A 267 8.07 4.29 16.20
N ALA A 268 8.79 3.95 17.27
CA ALA A 268 10.24 3.85 17.20
C ALA A 268 10.69 2.69 16.34
N TYR A 269 10.24 1.49 16.68
CA TYR A 269 10.63 0.30 15.93
C TYR A 269 10.34 0.45 14.45
N ALA A 270 9.13 0.92 14.14
CA ALA A 270 8.68 1.00 12.76
C ALA A 270 9.56 1.93 11.93
N SER A 271 10.27 2.84 12.62
CA SER A 271 11.11 3.85 11.96
C SER A 271 12.26 3.22 11.19
N TYR A 272 12.78 2.11 11.70
CA TYR A 272 13.89 1.43 11.05
C TYR A 272 13.40 0.63 9.85
N ASN A 273 12.07 0.60 9.68
CA ASN A 273 11.48 -0.05 8.52
C ASN A 273 11.82 0.69 7.24
N LYS A 274 11.84 -0.02 6.13
CA LYS A 274 11.96 0.64 4.84
C LYS A 274 10.70 1.43 4.60
N TYR A 275 10.79 2.46 3.77
CA TYR A 275 9.65 3.35 3.56
C TYR A 275 8.49 2.59 2.92
N HIS A 276 8.81 1.68 2.01
CA HIS A 276 7.80 0.96 1.24
C HIS A 276 7.43 -0.41 1.79
N ASN A 277 8.02 -0.79 2.93
CA ASN A 277 7.64 -2.03 3.59
C ASN A 277 6.17 -2.03 3.93
N ASN A 278 5.47 -3.12 3.65
CA ASN A 278 4.03 -3.12 3.88
C ASN A 278 3.78 -3.27 5.36
N VAL A 279 3.28 -2.22 5.98
CA VAL A 279 3.09 -2.20 7.42
C VAL A 279 1.64 -2.47 7.79
N TYR A 280 0.79 -2.60 6.79
CA TYR A 280 -0.59 -2.95 7.04
C TYR A 280 -0.68 -4.43 7.32
N LYS A 281 0.00 -5.21 6.49
CA LYS A 281 0.13 -6.64 6.73
C LYS A 281 0.80 -6.86 8.10
N ASP A 282 1.88 -6.12 8.35
CA ASP A 282 2.62 -6.28 9.59
C ASP A 282 1.79 -5.92 10.82
N ALA A 283 0.82 -5.03 10.66
CA ALA A 283 -0.01 -4.64 11.78
C ALA A 283 -0.96 -5.78 12.12
N LEU A 284 -1.57 -6.36 11.10
CA LEU A 284 -2.56 -7.42 11.27
C LEU A 284 -1.93 -8.70 11.80
N LEU A 285 -0.78 -9.05 11.24
CA LEU A 285 -0.09 -10.28 11.63
C LEU A 285 0.43 -10.23 13.06
N THR A 286 0.98 -9.09 13.46
CA THR A 286 1.52 -8.93 14.79
C THR A 286 0.42 -9.02 15.84
N SER A 287 -0.71 -8.37 15.54
CA SER A 287 -1.88 -8.37 16.42
C SER A 287 -2.33 -9.78 16.71
N PHE A 288 -2.56 -10.53 15.63
CA PHE A 288 -3.04 -11.90 15.71
C PHE A 288 -2.21 -12.77 16.63
N ILE A 289 -0.91 -12.80 16.38
CA ILE A 289 0.03 -13.56 17.19
C ILE A 289 -0.09 -13.22 18.67
N ASN A 290 -0.29 -11.94 18.95
CA ASN A 290 -0.41 -11.49 20.32
C ASN A 290 -1.65 -12.08 20.99
N SER A 291 -2.81 -11.85 20.40
CA SER A 291 -4.05 -12.36 20.97
C SER A 291 -4.03 -13.88 21.02
N ALA A 292 -3.51 -14.50 19.97
CA ALA A 292 -3.37 -15.94 19.94
C ALA A 292 -2.51 -16.41 21.10
N THR A 293 -1.34 -15.82 21.25
CA THR A 293 -0.40 -16.21 22.30
C THR A 293 -1.04 -16.14 23.68
N SER A 294 -1.99 -15.22 23.86
CA SER A 294 -2.71 -15.11 25.12
C SER A 294 -3.71 -16.24 25.28
N PHE A 295 -4.56 -16.38 24.27
CA PHE A 295 -5.57 -17.43 24.23
C PHE A 295 -4.96 -18.81 24.45
N ILE A 296 -3.77 -19.03 23.91
CA ILE A 296 -3.03 -20.28 24.12
C ILE A 296 -2.69 -20.50 25.57
N ALA A 297 -1.95 -19.55 26.15
CA ALA A 297 -1.50 -19.65 27.52
C ALA A 297 -2.69 -19.78 28.47
N GLY A 298 -3.82 -19.22 28.07
CA GLY A 298 -5.08 -19.41 28.77
C GLY A 298 -5.38 -20.89 28.92
N PHE A 299 -5.19 -21.62 27.82
CA PHE A 299 -5.33 -23.07 27.86
C PHE A 299 -4.26 -23.72 28.71
N VAL A 300 -3.09 -23.10 28.76
CA VAL A 300 -1.97 -23.70 29.47
C VAL A 300 -2.12 -23.58 30.98
N ILE A 301 -2.76 -22.51 31.40
CA ILE A 301 -2.91 -22.24 32.82
C ILE A 301 -3.97 -23.13 33.45
N PHE A 302 -5.14 -23.18 32.83
CA PHE A 302 -6.28 -23.84 33.45
C PHE A 302 -6.22 -25.37 33.44
N SER A 303 -5.51 -25.90 32.46
CA SER A 303 -5.26 -27.32 32.45
C SER A 303 -4.44 -27.67 33.68
N VAL A 304 -3.56 -26.77 34.09
CA VAL A 304 -2.80 -26.94 35.31
C VAL A 304 -3.68 -26.59 36.52
N LEU A 305 -4.69 -25.75 36.27
CA LEU A 305 -5.59 -25.30 37.33
C LEU A 305 -6.58 -26.37 37.69
N GLY A 306 -7.16 -27.00 36.66
CA GLY A 306 -8.07 -28.11 36.87
C GLY A 306 -7.40 -29.22 37.65
N TYR A 307 -6.19 -29.57 37.25
CA TYR A 307 -5.40 -30.60 37.92
C TYR A 307 -5.28 -30.38 39.43
N MET A 308 -5.22 -29.11 39.83
CA MET A 308 -5.14 -28.80 41.26
C MET A 308 -6.52 -28.96 41.89
N ALA A 309 -7.56 -28.77 41.10
CA ALA A 309 -8.93 -28.88 41.58
C ALA A 309 -9.39 -30.34 41.58
N HIS A 310 -8.61 -31.20 40.92
CA HIS A 310 -8.95 -32.60 40.80
C HIS A 310 -8.11 -33.41 41.76
N THR A 311 -6.82 -33.54 41.43
CA THR A 311 -5.92 -34.32 42.25
C THR A 311 -5.64 -33.65 43.59
N LEU A 312 -5.32 -32.35 43.55
CA LEU A 312 -4.92 -31.64 44.77
C LEU A 312 -6.12 -31.16 45.59
N GLY A 313 -7.30 -31.15 44.99
CA GLY A 313 -8.51 -30.87 45.74
C GLY A 313 -8.61 -29.48 46.36
N VAL A 314 -8.53 -28.46 45.51
CA VAL A 314 -8.66 -27.10 45.97
C VAL A 314 -9.81 -26.38 45.25
N ARG A 315 -10.49 -25.48 45.97
CA ARG A 315 -11.55 -24.68 45.37
C ARG A 315 -11.00 -23.89 44.17
N ILE A 316 -11.81 -23.72 43.15
CA ILE A 316 -11.37 -23.03 41.93
C ILE A 316 -11.14 -21.55 42.19
N GLU A 317 -12.10 -20.97 42.91
CA GLU A 317 -12.14 -19.54 43.15
C GLU A 317 -10.87 -19.06 43.84
N ASP A 318 -10.18 -19.99 44.49
CA ASP A 318 -8.94 -19.68 45.19
C ASP A 318 -7.73 -19.59 44.26
N VAL A 319 -7.66 -20.51 43.30
CA VAL A 319 -6.49 -20.58 42.44
C VAL A 319 -6.66 -19.91 41.06
N ALA A 320 -7.85 -19.39 40.78
CA ALA A 320 -8.04 -18.67 39.53
C ALA A 320 -7.75 -17.20 39.76
N THR A 321 -6.64 -16.74 39.23
CA THR A 321 -6.14 -15.43 39.60
C THR A 321 -5.39 -14.71 38.49
N GLU A 322 -5.37 -13.40 38.55
CA GLU A 322 -4.57 -12.59 37.66
C GLU A 322 -3.35 -12.10 38.39
N GLY A 323 -2.47 -11.43 37.67
CA GLY A 323 -1.32 -10.80 38.29
C GLY A 323 -0.24 -11.76 38.75
N PRO A 324 0.87 -11.19 39.23
CA PRO A 324 2.08 -11.94 39.63
C PRO A 324 1.80 -13.06 40.61
N GLY A 325 0.72 -12.98 41.36
CA GLY A 325 0.41 -14.03 42.32
C GLY A 325 0.21 -15.38 41.66
N LEU A 326 -0.34 -15.35 40.46
CA LEU A 326 -0.59 -16.57 39.70
C LEU A 326 0.70 -17.24 39.30
N VAL A 327 1.55 -16.51 38.59
CA VAL A 327 2.74 -17.12 38.01
C VAL A 327 3.83 -17.40 39.06
N PHE A 328 3.83 -16.64 40.14
CA PHE A 328 4.82 -16.86 41.19
C PHE A 328 4.30 -17.64 42.40
N VAL A 329 3.03 -17.97 42.42
CA VAL A 329 2.52 -18.75 43.54
C VAL A 329 1.69 -19.92 43.08
N VAL A 330 0.53 -19.64 42.48
CA VAL A 330 -0.41 -20.68 42.12
C VAL A 330 0.16 -21.74 41.19
N TYR A 331 0.79 -21.30 40.10
CA TYR A 331 1.30 -22.23 39.11
C TYR A 331 2.40 -23.13 39.66
N PRO A 332 3.45 -22.53 40.25
CA PRO A 332 4.53 -23.33 40.86
C PRO A 332 4.05 -24.26 41.95
N ALA A 333 2.93 -23.94 42.59
CA ALA A 333 2.37 -24.82 43.61
C ALA A 333 2.00 -26.15 42.98
N ALA A 334 1.32 -26.07 41.84
CA ALA A 334 0.90 -27.24 41.09
C ALA A 334 2.09 -28.06 40.63
N ILE A 335 3.04 -27.40 39.97
CA ILE A 335 4.19 -28.08 39.38
C ILE A 335 4.99 -28.95 40.36
N ALA A 336 5.19 -28.45 41.58
CA ALA A 336 6.00 -29.17 42.56
C ALA A 336 5.41 -30.53 42.86
N THR A 337 4.10 -30.68 42.61
CA THR A 337 3.42 -31.94 42.89
C THR A 337 3.76 -32.99 41.83
N MET A 338 3.69 -32.59 40.57
CA MET A 338 3.87 -33.52 39.47
C MET A 338 5.32 -33.96 39.31
N PRO A 339 5.55 -35.04 38.56
CA PRO A 339 6.86 -35.64 38.34
C PRO A 339 7.77 -34.79 37.46
N ALA A 340 9.07 -34.95 37.60
CA ALA A 340 10.04 -34.17 36.83
C ALA A 340 9.93 -32.71 37.22
N SER A 341 9.54 -32.49 38.49
CA SER A 341 9.25 -31.17 39.01
C SER A 341 10.30 -30.14 38.68
N THR A 342 11.56 -30.45 38.95
CA THR A 342 12.64 -29.50 38.75
C THR A 342 12.76 -29.04 37.31
N PHE A 343 12.35 -29.89 36.38
CA PHE A 343 12.47 -29.54 34.97
C PHE A 343 11.44 -28.49 34.57
N TRP A 344 10.19 -28.72 34.94
CA TRP A 344 9.11 -27.81 34.57
C TRP A 344 9.35 -26.42 35.11
N ALA A 345 9.90 -26.33 36.32
CA ALA A 345 10.21 -25.05 36.92
C ALA A 345 11.16 -24.24 36.06
N LEU A 346 12.32 -24.81 35.75
CA LEU A 346 13.37 -24.08 35.05
C LEU A 346 12.92 -23.53 33.69
N ILE A 347 12.05 -24.25 32.98
CA ILE A 347 11.58 -23.76 31.69
C ILE A 347 10.48 -22.71 31.85
N PHE A 348 9.70 -22.85 32.91
CA PHE A 348 8.63 -21.89 33.19
C PHE A 348 9.23 -20.54 33.52
N PHE A 349 10.13 -20.53 34.49
CA PHE A 349 10.83 -19.32 34.90
C PHE A 349 11.69 -18.77 33.78
N MET A 350 12.27 -19.65 32.98
CA MET A 350 13.03 -19.18 31.84
C MET A 350 12.08 -18.51 30.86
N MET A 351 10.88 -19.08 30.72
CA MET A 351 9.90 -18.50 29.81
C MET A 351 9.43 -17.15 30.30
N LEU A 352 9.23 -17.02 31.62
CA LEU A 352 8.81 -15.76 32.20
C LEU A 352 9.84 -14.69 31.95
N ALA A 353 11.11 -15.09 32.03
CA ALA A 353 12.22 -14.17 31.83
C ALA A 353 12.26 -13.68 30.39
N THR A 354 12.23 -14.61 29.43
CA THR A 354 12.25 -14.22 28.02
C THR A 354 10.96 -13.51 27.63
N LEU A 355 9.94 -13.59 28.47
CA LEU A 355 8.68 -12.91 28.22
C LEU A 355 8.80 -11.45 28.59
N GLY A 356 9.58 -11.17 29.62
CA GLY A 356 9.85 -9.80 30.03
C GLY A 356 10.85 -9.08 29.15
N LEU A 357 11.98 -9.73 28.88
CA LEU A 357 13.11 -9.11 28.18
C LEU A 357 12.74 -8.46 26.85
N ASP A 358 12.14 -9.25 25.95
CA ASP A 358 11.79 -8.75 24.63
C ASP A 358 10.90 -7.52 24.74
N SER A 359 10.07 -7.48 25.76
CA SER A 359 9.16 -6.36 25.98
C SER A 359 9.91 -5.13 26.45
N SER A 360 10.76 -5.30 27.45
CA SER A 360 11.51 -4.19 28.02
C SER A 360 12.36 -3.47 26.98
N PHE A 361 12.94 -4.24 26.06
CA PHE A 361 13.81 -3.67 25.04
C PHE A 361 13.13 -2.53 24.28
N GLY A 362 11.89 -2.77 23.85
CA GLY A 362 11.15 -1.79 23.10
C GLY A 362 10.97 -0.49 23.86
N GLY A 363 10.83 -0.60 25.17
CA GLY A 363 10.67 0.58 26.00
C GLY A 363 11.95 1.39 26.08
N MET A 364 13.05 0.71 26.40
CA MET A 364 14.37 1.35 26.43
C MET A 364 14.75 1.85 25.05
N GLU A 365 14.40 1.08 24.02
CA GLU A 365 14.69 1.47 22.65
C GLU A 365 13.90 2.69 22.22
N ALA A 366 12.62 2.74 22.57
CA ALA A 366 11.80 3.87 22.20
C ALA A 366 12.28 5.12 22.90
N ILE A 367 13.01 4.94 24.00
CA ILE A 367 13.63 6.06 24.69
C ILE A 367 14.87 6.54 23.97
N ILE A 368 15.79 5.61 23.69
CA ILE A 368 17.03 5.95 23.01
C ILE A 368 16.76 6.47 21.60
N THR A 369 16.09 5.66 20.79
CA THR A 369 15.73 6.04 19.44
C THR A 369 15.04 7.39 19.40
N ALA A 370 14.25 7.67 20.44
CA ALA A 370 13.52 8.93 20.49
C ALA A 370 14.47 10.10 20.65
N LEU A 371 15.51 9.89 21.46
CA LEU A 371 16.50 10.92 21.75
C LEU A 371 17.56 11.07 20.66
N SER A 372 17.99 9.95 20.10
CA SER A 372 19.01 9.95 19.05
C SER A 372 18.64 10.85 17.88
N ASP A 373 17.34 10.99 17.64
CA ASP A 373 16.84 11.79 16.55
C ASP A 373 16.61 13.24 17.00
N GLU A 374 17.00 13.50 18.24
CA GLU A 374 16.91 14.84 18.80
C GLU A 374 18.31 15.40 19.09
N PHE A 375 19.02 14.76 20.01
CA PHE A 375 20.34 15.22 20.42
C PHE A 375 21.43 14.35 19.81
N PRO A 376 22.16 14.91 18.84
CA PRO A 376 23.05 14.17 17.94
C PRO A 376 24.24 13.49 18.62
N LYS A 377 24.87 14.16 19.58
CA LYS A 377 26.11 13.62 20.13
C LYS A 377 25.86 12.49 21.13
N ILE A 378 24.59 12.25 21.46
CA ILE A 378 24.24 11.06 22.24
C ILE A 378 23.91 9.94 21.28
N LYS A 379 23.78 10.30 20.00
CA LYS A 379 23.69 9.30 18.95
C LYS A 379 25.10 8.82 18.61
N ARG A 380 26.04 9.76 18.64
CA ARG A 380 27.44 9.45 18.41
C ARG A 380 27.88 8.34 19.35
N ASN A 381 27.39 8.41 20.59
CA ASN A 381 27.58 7.29 21.49
C ASN A 381 26.26 6.90 22.13
N ARG A 382 25.74 5.73 21.75
CA ARG A 382 24.64 5.17 22.51
C ARG A 382 25.38 4.66 23.72
N GLU A 383 26.17 3.62 23.53
CA GLU A 383 27.57 3.70 23.91
C GLU A 383 27.82 4.54 25.15
N LEU A 384 27.42 4.06 26.31
CA LEU A 384 27.63 4.81 27.56
C LEU A 384 26.53 5.84 27.81
N PHE A 385 25.66 6.09 26.84
CA PHE A 385 24.47 6.84 27.15
C PHE A 385 23.54 5.96 27.97
N VAL A 386 23.28 4.77 27.42
CA VAL A 386 22.47 3.78 28.09
C VAL A 386 23.13 3.39 29.41
N ALA A 387 24.46 3.23 29.39
CA ALA A 387 25.21 2.84 30.56
C ALA A 387 24.83 3.71 31.77
N GLY A 388 24.70 5.01 31.54
CA GLY A 388 24.21 5.90 32.58
C GLY A 388 22.77 5.58 32.89
N LEU A 389 21.95 5.59 31.85
CA LEU A 389 20.51 5.34 31.96
C LEU A 389 20.21 4.09 32.79
N PHE A 390 20.87 2.99 32.45
CA PHE A 390 20.60 1.72 33.11
C PHE A 390 21.08 1.75 34.57
N SER A 391 22.32 2.20 34.74
CA SER A 391 22.88 2.32 36.08
C SER A 391 22.04 3.30 36.91
N LEU A 392 21.44 4.26 36.22
CA LEU A 392 20.46 5.15 36.85
C LEU A 392 19.24 4.34 37.23
N TYR A 393 18.78 3.51 36.30
CA TYR A 393 17.69 2.58 36.58
C TYR A 393 18.06 1.69 37.74
N PHE A 394 19.24 1.08 37.63
CA PHE A 394 19.72 0.16 38.65
C PHE A 394 19.80 0.79 40.03
N VAL A 395 20.37 1.99 40.11
CA VAL A 395 20.51 2.67 41.40
C VAL A 395 19.14 2.92 42.03
N VAL A 396 18.22 3.50 41.26
CA VAL A 396 16.84 3.68 41.72
C VAL A 396 16.17 2.32 41.87
N GLY A 397 16.60 1.38 41.04
CA GLY A 397 16.03 0.05 41.03
C GLY A 397 16.34 -0.74 42.29
N LEU A 398 17.08 -0.11 43.20
CA LEU A 398 17.37 -0.73 44.48
C LEU A 398 16.24 -0.45 45.46
N ALA A 399 15.37 0.48 45.10
CA ALA A 399 14.21 0.79 45.93
C ALA A 399 13.24 -0.37 45.92
N SER A 400 13.01 -0.90 44.72
CA SER A 400 12.20 -2.08 44.51
C SER A 400 12.95 -3.35 44.93
N CYS A 401 14.26 -3.22 45.11
CA CYS A 401 15.12 -4.33 45.50
C CYS A 401 15.07 -4.47 47.02
N THR A 402 14.20 -3.66 47.61
CA THR A 402 14.11 -3.52 49.06
C THR A 402 12.84 -4.19 49.59
N GLN A 403 12.89 -4.61 50.84
CA GLN A 403 11.82 -5.42 51.45
C GLN A 403 10.41 -4.88 51.22
N GLY A 404 10.26 -3.57 51.16
CA GLY A 404 8.96 -2.99 50.88
C GLY A 404 8.77 -2.86 49.39
N GLY A 405 9.62 -3.55 48.62
CA GLY A 405 9.71 -3.35 47.18
C GLY A 405 8.40 -3.53 46.44
N PHE A 406 7.63 -4.53 46.84
CA PHE A 406 6.36 -4.77 46.17
C PHE A 406 5.45 -3.55 46.35
N TYR A 407 5.41 -3.04 47.58
CA TYR A 407 4.61 -1.85 47.87
C TYR A 407 4.99 -0.71 46.94
N PHE A 408 6.29 -0.61 46.65
CA PHE A 408 6.83 0.35 45.69
C PHE A 408 6.39 -0.04 44.28
N PHE A 409 6.63 -1.30 43.95
CA PHE A 409 6.29 -1.85 42.65
C PHE A 409 4.84 -1.59 42.28
N HIS A 410 3.94 -2.01 43.16
CA HIS A 410 2.51 -1.89 42.92
C HIS A 410 2.10 -0.43 42.75
N LEU A 411 2.85 0.46 43.39
CA LEU A 411 2.56 1.89 43.35
C LEU A 411 2.80 2.47 41.97
N LEU A 412 3.96 2.17 41.40
CA LEU A 412 4.27 2.61 40.05
C LEU A 412 3.33 1.96 39.06
N ASP A 413 2.95 0.72 39.35
CA ASP A 413 2.09 0.00 38.44
C ASP A 413 0.74 0.70 38.33
N ARG A 414 0.08 0.89 39.46
CA ARG A 414 -1.27 1.43 39.47
C ARG A 414 -1.33 2.91 39.06
N TYR A 415 -0.18 3.55 38.93
CA TYR A 415 -0.15 5.00 38.72
C TYR A 415 0.59 5.41 37.45
N ALA A 416 1.86 5.04 37.35
CA ALA A 416 2.76 5.52 36.29
C ALA A 416 2.17 5.54 34.89
N ALA A 417 1.88 4.37 34.34
CA ALA A 417 1.33 4.27 32.99
C ALA A 417 -0.19 4.13 32.95
N GLY A 418 -0.86 4.19 34.10
CA GLY A 418 -2.28 3.88 34.09
C GLY A 418 -3.19 4.85 33.37
N TYR A 419 -3.28 6.09 33.87
CA TYR A 419 -4.10 7.07 33.17
C TYR A 419 -3.24 7.96 32.31
N SER A 420 -1.92 7.82 32.45
CA SER A 420 -1.00 8.63 31.69
C SER A 420 -1.04 8.24 30.23
N ILE A 421 -1.03 6.94 29.98
CA ILE A 421 -0.97 6.42 28.63
C ILE A 421 -2.30 6.60 27.91
N LEU A 422 -3.36 6.73 28.67
CA LEU A 422 -4.69 6.81 28.09
C LEU A 422 -4.92 8.14 27.37
N VAL A 423 -4.59 9.24 28.05
CA VAL A 423 -4.76 10.56 27.48
C VAL A 423 -3.67 10.85 26.45
N ALA A 424 -2.48 10.34 26.71
CA ALA A 424 -1.34 10.51 25.80
C ALA A 424 -1.70 10.04 24.39
N VAL A 425 -2.36 8.89 24.32
CA VAL A 425 -2.75 8.32 23.04
C VAL A 425 -3.86 9.16 22.40
N PHE A 426 -4.82 9.55 23.23
CA PHE A 426 -5.98 10.30 22.76
C PHE A 426 -5.60 11.50 21.90
N PHE A 427 -4.49 12.16 22.25
CA PHE A 427 -4.02 13.28 21.46
C PHE A 427 -3.39 12.80 20.16
N GLU A 428 -2.68 11.68 20.25
CA GLU A 428 -2.10 11.03 19.08
C GLU A 428 -3.16 10.79 18.02
N ALA A 429 -4.28 10.23 18.45
CA ALA A 429 -5.43 10.00 17.57
C ALA A 429 -5.93 11.31 16.96
N ILE A 430 -6.27 12.25 17.84
CA ILE A 430 -6.85 13.54 17.45
C ILE A 430 -5.93 14.34 16.57
N ALA A 431 -4.67 14.47 17.01
CA ALA A 431 -3.66 15.17 16.22
C ALA A 431 -3.54 14.57 14.82
N VAL A 432 -3.47 13.24 14.74
CA VAL A 432 -3.35 12.58 13.46
C VAL A 432 -4.66 12.65 12.68
N SER A 433 -5.73 12.21 13.32
CA SER A 433 -7.03 12.10 12.64
C SER A 433 -7.69 13.45 12.34
N TRP A 434 -7.39 14.48 13.13
CA TRP A 434 -8.02 15.80 13.00
C TRP A 434 -7.04 16.90 12.65
N ILE A 435 -6.08 17.15 13.53
CA ILE A 435 -5.08 18.20 13.31
C ILE A 435 -4.31 17.93 12.02
N TYR A 436 -3.71 16.75 11.92
CA TYR A 436 -2.95 16.39 10.74
C TYR A 436 -3.89 16.02 9.61
N GLY A 437 -5.01 15.44 9.98
CA GLY A 437 -6.03 15.04 9.03
C GLY A 437 -5.81 13.62 8.59
N THR A 438 -6.91 12.91 8.34
CA THR A 438 -6.84 11.53 7.90
C THR A 438 -6.52 11.50 6.41
N ASN A 439 -7.02 12.50 5.69
CA ASN A 439 -6.82 12.60 4.26
C ASN A 439 -5.33 12.65 3.90
N ARG A 440 -4.54 13.34 4.71
CA ARG A 440 -3.11 13.37 4.48
C ARG A 440 -2.40 12.21 5.17
N PHE A 441 -3.07 11.55 6.10
CA PHE A 441 -2.51 10.38 6.75
C PHE A 441 -2.64 9.18 5.83
N SER A 442 -3.77 9.09 5.14
CA SER A 442 -4.01 8.06 4.15
C SER A 442 -3.05 8.23 2.98
N GLU A 443 -3.08 9.44 2.43
CA GLU A 443 -2.26 9.79 1.27
C GLU A 443 -0.79 9.46 1.51
N ASP A 444 -0.39 9.45 2.78
CA ASP A 444 0.96 9.03 3.14
C ASP A 444 1.13 7.54 2.93
N ILE A 445 0.16 6.79 3.43
CA ILE A 445 0.26 5.34 3.43
C ILE A 445 0.13 4.76 2.03
N ARG A 446 -0.57 5.47 1.15
CA ARG A 446 -0.68 5.01 -0.23
C ARG A 446 0.67 5.11 -0.92
N ASP A 447 1.45 6.12 -0.56
CA ASP A 447 2.78 6.27 -1.11
C ASP A 447 3.67 5.18 -0.53
N MET A 448 3.35 4.77 0.68
CA MET A 448 4.16 3.77 1.36
C MET A 448 3.89 2.38 0.82
N ILE A 449 2.68 1.89 1.10
CA ILE A 449 2.32 0.52 0.77
C ILE A 449 1.61 0.38 -0.58
N GLY A 450 1.24 1.49 -1.19
CA GLY A 450 0.71 1.46 -2.54
C GLY A 450 -0.79 1.51 -2.63
N PHE A 451 -1.45 1.38 -1.48
CA PHE A 451 -2.90 1.49 -1.44
C PHE A 451 -3.38 2.17 -0.16
N PRO A 452 -4.42 3.00 -0.26
CA PRO A 452 -5.00 3.70 0.88
C PRO A 452 -5.93 2.81 1.69
N PRO A 453 -6.07 3.08 2.99
CA PRO A 453 -6.96 2.37 3.90
C PRO A 453 -8.43 2.50 3.51
N GLY A 454 -9.20 1.43 3.69
CA GLY A 454 -10.62 1.46 3.43
C GLY A 454 -11.35 2.43 4.36
N ARG A 455 -12.61 2.71 4.04
CA ARG A 455 -13.42 3.65 4.80
C ARG A 455 -13.64 3.15 6.23
N TYR A 456 -13.23 1.92 6.48
CA TYR A 456 -13.39 1.34 7.81
C TYR A 456 -12.38 1.90 8.81
N TRP A 457 -11.10 1.94 8.43
CA TRP A 457 -10.03 2.25 9.37
C TRP A 457 -10.08 3.64 10.00
N GLN A 458 -10.10 4.66 9.15
CA GLN A 458 -10.15 6.03 9.64
C GLN A 458 -11.41 6.29 10.47
N VAL A 459 -12.50 5.59 10.15
CA VAL A 459 -13.70 5.65 10.97
C VAL A 459 -13.38 5.23 12.40
N CYS A 460 -12.41 4.32 12.54
CA CYS A 460 -11.94 3.91 13.86
C CYS A 460 -11.03 4.98 14.45
N TRP A 461 -10.14 5.53 13.64
CA TRP A 461 -9.23 6.57 14.10
C TRP A 461 -9.96 7.87 14.41
N ARG A 462 -10.79 8.32 13.47
CA ARG A 462 -11.42 9.62 13.57
C ARG A 462 -12.55 9.64 14.59
N PHE A 463 -13.33 8.57 14.67
CA PHE A 463 -14.50 8.53 15.56
C PHE A 463 -14.39 7.49 16.66
N VAL A 464 -14.36 6.22 16.27
CA VAL A 464 -14.41 5.10 17.23
C VAL A 464 -13.38 5.20 18.35
N ALA A 465 -12.13 5.52 18.00
CA ALA A 465 -11.02 5.44 18.95
C ALA A 465 -11.23 6.34 20.17
N PRO A 466 -11.47 7.64 19.95
CA PRO A 466 -11.74 8.58 21.04
C PRO A 466 -12.99 8.19 21.85
N ILE A 467 -14.05 7.76 21.19
CA ILE A 467 -15.23 7.27 21.89
C ILE A 467 -14.85 6.04 22.70
N PHE A 468 -13.94 5.24 22.15
CA PHE A 468 -13.47 4.02 22.79
C PHE A 468 -12.56 4.31 23.99
N LEU A 469 -11.61 5.22 23.83
CA LEU A 469 -10.70 5.58 24.92
C LEU A 469 -11.42 6.30 26.06
N LEU A 470 -12.24 7.27 25.69
CA LEU A 470 -13.01 8.05 26.65
C LEU A 470 -13.93 7.14 27.48
N PHE A 471 -14.47 6.12 26.81
CA PHE A 471 -15.29 5.09 27.43
C PHE A 471 -14.53 4.32 28.51
N ILE A 472 -13.22 4.19 28.33
CA ILE A 472 -12.41 3.43 29.26
C ILE A 472 -12.10 4.23 30.53
N THR A 473 -11.87 5.52 30.36
CA THR A 473 -11.55 6.39 31.49
C THR A 473 -12.82 6.82 32.24
N VAL A 474 -13.95 6.84 31.54
CA VAL A 474 -15.23 7.11 32.18
C VAL A 474 -15.56 6.01 33.19
N TYR A 475 -15.49 4.76 32.77
CA TYR A 475 -15.71 3.64 33.68
C TYR A 475 -14.47 3.33 34.49
N GLY A 476 -13.40 4.06 34.20
CA GLY A 476 -12.17 3.96 34.95
C GLY A 476 -12.25 4.75 36.24
N LEU A 477 -12.92 5.89 36.18
CA LEU A 477 -13.10 6.74 37.35
C LEU A 477 -14.24 6.25 38.22
N ILE A 478 -15.32 5.82 37.59
CA ILE A 478 -16.45 5.27 38.32
C ILE A 478 -16.01 4.17 39.27
N GLY A 479 -15.11 3.32 38.81
CA GLY A 479 -14.63 2.20 39.60
C GLY A 479 -13.36 2.51 40.37
N TYR A 480 -13.12 3.79 40.63
CA TYR A 480 -11.90 4.19 41.32
C TYR A 480 -11.98 3.94 42.82
N GLU A 481 -10.86 3.48 43.38
CA GLU A 481 -10.68 3.38 44.81
C GLU A 481 -9.25 3.80 45.15
N PRO A 482 -9.00 4.19 46.40
CA PRO A 482 -7.62 4.52 46.79
C PRO A 482 -6.72 3.32 46.60
N LEU A 483 -5.42 3.56 46.46
CA LEU A 483 -4.49 2.47 46.23
C LEU A 483 -4.38 1.58 47.46
N THR A 484 -4.60 0.29 47.26
CA THR A 484 -4.61 -0.66 48.36
C THR A 484 -3.98 -1.97 47.92
N TYR A 485 -3.22 -2.59 48.81
CA TYR A 485 -2.78 -3.95 48.57
C TYR A 485 -2.96 -4.78 49.83
N ALA A 486 -3.75 -5.85 49.72
CA ALA A 486 -4.14 -6.62 50.89
C ALA A 486 -4.83 -5.71 51.89
N ASP A 487 -4.45 -5.84 53.17
CA ASP A 487 -5.07 -5.03 54.22
C ASP A 487 -4.48 -3.64 54.24
N TYR A 488 -3.32 -3.48 53.60
CA TYR A 488 -2.62 -2.20 53.58
C TYR A 488 -3.29 -1.21 52.64
N VAL A 489 -3.65 -0.06 53.21
CA VAL A 489 -4.16 1.06 52.43
C VAL A 489 -3.08 2.12 52.31
N TYR A 490 -2.83 2.57 51.09
CA TYR A 490 -1.76 3.53 50.83
C TYR A 490 -2.12 4.88 51.40
N PRO A 491 -1.13 5.53 52.03
CA PRO A 491 -1.22 6.90 52.54
C PRO A 491 -1.50 7.90 51.41
N SER A 492 -2.43 8.82 51.65
CA SER A 492 -2.90 9.73 50.61
C SER A 492 -1.79 10.58 49.98
N TRP A 493 -0.66 10.69 50.66
CA TRP A 493 0.47 11.39 50.08
C TRP A 493 1.09 10.55 48.98
N ALA A 494 1.10 9.24 49.19
CA ALA A 494 1.57 8.33 48.16
C ALA A 494 0.66 8.41 46.94
N ASN A 495 -0.66 8.40 47.18
CA ASN A 495 -1.63 8.61 46.10
C ASN A 495 -1.32 9.87 45.31
N ALA A 496 -1.15 10.97 46.02
CA ALA A 496 -0.81 12.23 45.37
C ALA A 496 0.50 12.13 44.60
N LEU A 497 1.50 11.54 45.26
CA LEU A 497 2.82 11.37 44.66
C LEU A 497 2.74 10.53 43.39
N GLY A 498 1.75 9.62 43.37
CA GLY A 498 1.51 8.79 42.21
C GLY A 498 0.91 9.57 41.05
N TRP A 499 0.07 10.56 41.36
CA TRP A 499 -0.55 11.39 40.34
C TRP A 499 0.46 12.33 39.70
N CYS A 500 1.52 12.63 40.43
CA CYS A 500 2.60 13.45 39.89
C CYS A 500 3.29 12.72 38.75
N ILE A 501 3.51 11.42 38.94
CA ILE A 501 4.13 10.59 37.92
C ILE A 501 3.14 10.38 36.78
N ALA A 502 1.86 10.49 37.10
CA ALA A 502 0.83 10.44 36.08
C ALA A 502 0.70 11.79 35.36
N GLY A 503 0.90 12.87 36.11
CA GLY A 503 0.75 14.20 35.56
C GLY A 503 1.98 14.71 34.85
N SER A 504 3.15 14.27 35.30
CA SER A 504 4.42 14.71 34.73
C SER A 504 4.57 14.24 33.30
N SER A 505 3.85 13.19 32.97
CA SER A 505 3.80 12.71 31.59
C SER A 505 2.92 13.61 30.75
N VAL A 506 1.64 13.67 31.09
CA VAL A 506 0.67 14.49 30.36
C VAL A 506 1.01 15.97 30.32
N VAL A 507 1.51 16.51 31.42
CA VAL A 507 1.74 17.94 31.55
C VAL A 507 2.66 18.46 30.45
N MET A 508 3.41 17.55 29.83
CA MET A 508 4.24 17.91 28.70
C MET A 508 3.40 18.46 27.55
N ILE A 509 2.19 17.93 27.40
CA ILE A 509 1.37 18.28 26.24
C ILE A 509 0.94 19.75 26.23
N PRO A 510 0.29 20.21 27.32
CA PRO A 510 -0.10 21.61 27.41
C PRO A 510 1.11 22.53 27.59
N ALA A 511 2.18 22.00 28.17
CA ALA A 511 3.42 22.74 28.36
C ALA A 511 4.01 23.16 27.02
N VAL A 512 4.23 22.19 26.15
CA VAL A 512 4.83 22.47 24.85
C VAL A 512 3.85 23.21 23.94
N ALA A 513 2.56 22.91 24.07
CA ALA A 513 1.54 23.64 23.33
C ALA A 513 1.62 25.12 23.66
N ILE A 514 1.50 25.43 24.95
CA ILE A 514 1.59 26.79 25.46
C ILE A 514 2.90 27.47 25.08
N PHE A 515 4.02 26.86 25.46
CA PHE A 515 5.34 27.40 25.19
C PHE A 515 5.57 27.79 23.73
N LYS A 516 5.26 26.88 22.81
CA LYS A 516 5.58 27.10 21.40
C LYS A 516 4.77 28.25 20.81
N LEU A 517 3.45 28.19 20.96
CA LEU A 517 2.57 29.23 20.42
C LEU A 517 2.90 30.61 21.01
N LEU A 518 3.38 30.65 22.25
CA LEU A 518 3.88 31.90 22.79
C LEU A 518 5.27 32.18 22.25
N SER A 519 6.05 31.12 22.05
CA SER A 519 7.40 31.27 21.53
C SER A 519 7.42 31.51 20.03
N THR A 520 6.25 31.42 19.40
CA THR A 520 6.13 31.79 17.99
C THR A 520 5.76 33.25 17.84
N PRO A 521 6.27 33.88 16.79
CA PRO A 521 5.99 35.28 16.47
C PRO A 521 4.65 35.46 15.78
N GLY A 522 4.38 36.67 15.33
CA GLY A 522 3.24 36.95 14.49
C GLY A 522 1.91 36.92 15.21
N SER A 523 0.85 37.19 14.44
CA SER A 523 -0.51 37.19 14.96
C SER A 523 -0.85 35.87 15.62
N LEU A 524 -1.60 35.94 16.72
CA LEU A 524 -2.00 34.76 17.45
C LEU A 524 -2.76 33.76 16.57
N ARG A 525 -3.48 34.26 15.56
CA ARG A 525 -4.21 33.38 14.66
C ARG A 525 -3.29 32.75 13.61
N GLN A 526 -2.26 33.49 13.22
CA GLN A 526 -1.32 32.97 12.23
C GLN A 526 -0.07 32.35 12.85
N ARG A 527 0.04 32.39 14.17
CA ARG A 527 1.13 31.67 14.83
C ARG A 527 0.67 30.25 15.18
N PHE A 528 -0.64 30.00 15.08
CA PHE A 528 -1.17 28.65 15.24
C PHE A 528 -1.03 27.83 13.97
N THR A 529 -1.27 28.47 12.82
CA THR A 529 -1.15 27.79 11.54
C THR A 529 0.27 27.32 11.32
N ILE A 530 1.23 28.03 11.91
CA ILE A 530 2.61 27.57 11.86
C ILE A 530 2.75 26.23 12.57
N LEU A 531 1.98 26.06 13.64
CA LEU A 531 2.05 24.84 14.43
C LEU A 531 1.07 23.79 13.94
N THR A 532 0.15 24.19 13.05
CA THR A 532 -0.67 23.21 12.36
C THR A 532 0.02 22.67 11.10
N THR A 533 0.93 23.46 10.52
CA THR A 533 1.58 23.06 9.28
C THR A 533 2.74 22.09 9.51
N PRO A 534 2.63 20.89 8.93
CA PRO A 534 3.54 19.74 8.99
C PRO A 534 4.95 20.05 8.49
N TRP A 535 5.94 19.39 9.08
CA TRP A 535 7.34 19.64 8.75
C TRP A 535 7.64 19.41 7.28
N ARG A 536 7.05 18.38 6.71
CA ARG A 536 7.31 18.04 5.32
C ARG A 536 6.85 19.14 4.38
N ASP A 537 5.91 19.96 4.84
CA ASP A 537 5.38 21.03 4.03
C ASP A 537 5.93 22.39 4.48
N GLU B 23 15.53 2.05 -15.63
CA GLU B 23 14.11 1.72 -15.69
C GLU B 23 13.91 0.24 -15.93
N ASN B 24 12.76 -0.27 -15.50
CA ASN B 24 12.43 -1.67 -15.71
C ASN B 24 11.68 -1.80 -17.03
N VAL B 25 12.34 -2.41 -18.00
CA VAL B 25 11.81 -2.48 -19.35
C VAL B 25 11.06 -3.79 -19.59
N LEU B 26 9.81 -3.65 -20.01
CA LEU B 26 8.97 -4.80 -20.29
C LEU B 26 8.90 -5.04 -21.78
N THR B 27 9.43 -6.18 -22.22
CA THR B 27 9.36 -6.57 -23.61
C THR B 27 8.24 -7.57 -23.82
N GLN B 28 7.40 -7.30 -24.82
CA GLN B 28 6.24 -8.14 -25.10
C GLN B 28 6.39 -8.86 -26.43
N SER B 29 6.05 -10.14 -26.45
CA SER B 29 6.10 -10.95 -27.65
C SER B 29 4.90 -11.88 -27.71
N PRO B 30 4.29 -11.94 -28.89
CA PRO B 30 4.86 -11.37 -30.11
C PRO B 30 4.20 -10.09 -30.56
N ALA B 31 4.89 -9.26 -31.34
CA ALA B 31 4.36 -7.95 -31.73
C ALA B 31 3.11 -7.89 -32.59
N ILE B 32 3.07 -8.65 -33.67
CA ILE B 32 1.84 -8.86 -34.42
C ILE B 32 1.41 -10.31 -34.33
N MET B 33 0.11 -10.53 -34.24
CA MET B 33 -0.42 -11.88 -34.11
C MET B 33 -1.68 -12.10 -34.94
N SER B 34 -1.61 -13.03 -35.88
CA SER B 34 -2.77 -13.34 -36.70
C SER B 34 -3.50 -14.54 -36.10
N THR B 35 -4.81 -14.41 -35.94
CA THR B 35 -5.56 -15.51 -35.35
C THR B 35 -6.96 -15.69 -35.90
N SER B 36 -7.31 -16.94 -36.17
CA SER B 36 -8.64 -17.33 -36.62
C SER B 36 -9.55 -17.49 -35.40
N PRO B 37 -10.82 -17.10 -35.54
CA PRO B 37 -11.75 -17.09 -34.41
C PRO B 37 -11.84 -18.45 -33.72
N GLY B 38 -12.07 -18.44 -32.41
CA GLY B 38 -12.25 -19.64 -31.63
C GLY B 38 -10.94 -20.30 -31.23
N GLU B 39 -9.88 -19.96 -31.95
CA GLU B 39 -8.56 -20.51 -31.67
C GLU B 39 -8.06 -19.98 -30.34
N LYS B 40 -7.17 -20.73 -29.70
CA LYS B 40 -6.58 -20.27 -28.45
C LYS B 40 -5.35 -19.43 -28.73
N VAL B 41 -5.24 -18.29 -28.05
CA VAL B 41 -4.07 -17.43 -28.17
C VAL B 41 -3.49 -17.10 -26.82
N THR B 42 -2.16 -17.01 -26.79
CA THR B 42 -1.45 -16.57 -25.60
C THR B 42 -0.39 -15.56 -26.01
N MET B 43 -0.23 -14.55 -25.16
CA MET B 43 0.82 -13.54 -25.34
C MET B 43 1.72 -13.50 -24.11
N THR B 44 2.99 -13.25 -24.36
CA THR B 44 3.99 -13.23 -23.30
C THR B 44 4.47 -11.80 -23.03
N CYS B 45 4.78 -11.54 -21.77
CA CYS B 45 5.32 -10.25 -21.35
C CYS B 45 6.50 -10.50 -20.42
N ARG B 46 7.69 -10.13 -20.85
CA ARG B 46 8.87 -10.39 -20.05
C ARG B 46 9.62 -9.12 -19.69
N ALA B 47 10.14 -9.09 -18.47
CA ALA B 47 10.67 -7.89 -17.86
C ALA B 47 12.15 -8.01 -17.58
N SER B 48 12.82 -6.88 -17.44
CA SER B 48 14.25 -6.88 -17.20
C SER B 48 14.54 -7.22 -15.75
N SER B 49 13.66 -6.78 -14.85
CA SER B 49 13.85 -7.02 -13.42
C SER B 49 12.64 -7.72 -12.83
N SER B 50 12.87 -8.47 -11.76
CA SER B 50 11.79 -9.17 -11.08
C SER B 50 10.72 -8.20 -10.60
N VAL B 51 9.46 -8.59 -10.73
CA VAL B 51 8.35 -7.71 -10.40
C VAL B 51 7.41 -8.34 -9.38
N GLY B 52 6.96 -7.54 -8.43
CA GLY B 52 5.96 -7.97 -7.46
C GLY B 52 4.76 -8.54 -8.20
N SER B 53 4.31 -9.70 -7.78
CA SER B 53 3.31 -10.46 -8.52
C SER B 53 2.02 -9.69 -8.72
N SER B 54 1.64 -8.88 -7.72
CA SER B 54 0.37 -8.19 -7.74
C SER B 54 0.41 -6.86 -8.49
N TYR B 55 1.63 -6.40 -8.77
CA TYR B 55 1.83 -5.08 -9.35
C TYR B 55 1.73 -5.04 -10.87
N LEU B 56 1.76 -6.20 -11.52
CA LEU B 56 1.63 -6.27 -12.97
C LEU B 56 0.19 -6.02 -13.43
N HIS B 57 0.00 -5.64 -14.69
CA HIS B 57 -1.32 -5.28 -15.17
C HIS B 57 -1.41 -5.46 -16.68
N TRP B 58 -2.64 -5.50 -17.19
CA TRP B 58 -2.85 -5.68 -18.62
C TRP B 58 -3.91 -4.74 -19.13
N TYR B 59 -3.63 -4.08 -20.25
CA TYR B 59 -4.58 -3.14 -20.82
C TYR B 59 -4.91 -3.53 -22.24
N GLN B 60 -6.16 -3.34 -22.62
CA GLN B 60 -6.59 -3.56 -23.98
C GLN B 60 -6.94 -2.25 -24.66
N GLN B 61 -6.34 -2.02 -25.82
CA GLN B 61 -6.63 -0.81 -26.58
C GLN B 61 -7.16 -1.10 -27.97
N LYS B 62 -8.43 -0.76 -28.18
CA LYS B 62 -9.02 -0.89 -29.51
C LYS B 62 -8.57 0.26 -30.40
N SER B 63 -8.47 0.00 -31.69
CA SER B 63 -7.97 1.00 -32.64
C SER B 63 -8.85 2.25 -32.68
N GLY B 64 -8.24 3.40 -32.46
CA GLY B 64 -8.94 4.66 -32.54
C GLY B 64 -9.73 4.97 -31.29
N ALA B 65 -9.29 4.43 -30.16
CA ALA B 65 -9.89 4.76 -28.88
C ALA B 65 -8.93 4.51 -27.72
N SER B 66 -9.17 5.16 -26.61
CA SER B 66 -8.30 5.07 -25.45
C SER B 66 -8.28 3.66 -24.88
N PRO B 67 -7.19 3.31 -24.19
CA PRO B 67 -6.98 2.03 -23.54
C PRO B 67 -8.02 1.72 -22.47
N LYS B 68 -8.09 0.43 -22.13
CA LYS B 68 -8.95 -0.05 -21.07
C LYS B 68 -8.14 -0.96 -20.15
N LEU B 69 -8.48 -0.95 -18.87
CA LEU B 69 -7.83 -1.87 -17.94
C LEU B 69 -8.48 -3.22 -18.07
N TRP B 70 -7.67 -4.23 -18.38
CA TRP B 70 -8.18 -5.58 -18.65
C TRP B 70 -7.95 -6.51 -17.48
N ILE B 71 -6.69 -6.70 -17.10
CA ILE B 71 -6.36 -7.56 -15.99
C ILE B 71 -5.41 -6.92 -15.00
N TYR B 72 -5.84 -6.87 -13.75
CA TYR B 72 -5.11 -6.20 -12.71
C TYR B 72 -4.69 -7.25 -11.74
N SER B 73 -3.76 -6.93 -10.88
CA SER B 73 -3.08 -7.94 -10.13
C SER B 73 -2.38 -8.76 -11.20
N THR B 74 -2.48 -10.06 -11.19
CA THR B 74 -1.94 -10.85 -12.28
C THR B 74 -3.03 -11.70 -12.90
N SER B 75 -3.72 -12.44 -12.06
CA SER B 75 -4.86 -13.23 -12.48
C SER B 75 -6.13 -12.41 -12.70
N ASN B 76 -6.39 -11.46 -11.80
CA ASN B 76 -7.70 -10.83 -11.67
C ASN B 76 -8.15 -9.98 -12.86
N LEU B 77 -9.31 -10.33 -13.40
CA LEU B 77 -9.95 -9.61 -14.49
C LEU B 77 -10.67 -8.36 -14.00
N ALA B 78 -10.93 -7.43 -14.91
CA ALA B 78 -11.72 -6.25 -14.60
C ALA B 78 -13.19 -6.48 -14.91
N SER B 79 -14.02 -5.48 -14.65
CA SER B 79 -15.44 -5.57 -14.93
C SER B 79 -15.72 -5.41 -16.42
N GLY B 80 -16.69 -6.18 -16.91
CA GLY B 80 -17.02 -6.16 -18.32
C GLY B 80 -16.04 -6.97 -19.14
N VAL B 81 -15.00 -7.48 -18.48
CA VAL B 81 -14.02 -8.33 -19.13
C VAL B 81 -14.51 -9.76 -19.12
N PRO B 82 -14.80 -10.31 -20.32
CA PRO B 82 -15.24 -11.69 -20.45
C PRO B 82 -14.27 -12.63 -19.75
N ALA B 83 -14.78 -13.73 -19.21
CA ALA B 83 -13.98 -14.63 -18.40
C ALA B 83 -13.13 -15.55 -19.27
N ARG B 84 -13.28 -15.40 -20.58
CA ARG B 84 -12.47 -16.16 -21.52
C ARG B 84 -11.01 -15.69 -21.48
N PHE B 85 -10.79 -14.53 -20.87
CA PHE B 85 -9.43 -14.02 -20.64
C PHE B 85 -8.87 -14.52 -19.31
N SER B 86 -7.59 -14.85 -19.31
CA SER B 86 -6.94 -15.29 -18.08
C SER B 86 -5.51 -14.78 -18.09
N GLY B 87 -4.85 -14.82 -16.94
CA GLY B 87 -3.47 -14.40 -16.91
C GLY B 87 -2.66 -15.07 -15.83
N SER B 88 -1.36 -15.17 -16.05
CA SER B 88 -0.51 -16.02 -15.24
C SER B 88 0.95 -15.62 -15.32
N GLY B 89 1.74 -16.16 -14.41
CA GLY B 89 3.17 -15.95 -14.40
C GLY B 89 3.63 -15.11 -13.22
N SER B 90 4.94 -15.07 -13.01
CA SER B 90 5.51 -14.28 -11.94
C SER B 90 6.99 -14.07 -12.20
N GLY B 91 7.64 -13.32 -11.32
CA GLY B 91 9.02 -12.97 -11.52
C GLY B 91 9.15 -12.08 -12.74
N THR B 92 9.96 -12.51 -13.70
CA THR B 92 10.09 -11.82 -14.98
C THR B 92 9.21 -12.42 -16.07
N SER B 93 8.37 -13.38 -15.71
CA SER B 93 7.58 -14.09 -16.72
C SER B 93 6.08 -14.00 -16.48
N TYR B 94 5.37 -13.46 -17.46
CA TYR B 94 3.93 -13.28 -17.37
C TYR B 94 3.27 -13.55 -18.71
N SER B 95 2.01 -13.95 -18.66
CA SER B 95 1.28 -14.23 -19.89
C SER B 95 -0.20 -13.90 -19.78
N LEU B 96 -0.72 -13.33 -20.85
CA LEU B 96 -2.15 -13.12 -21.01
C LEU B 96 -2.66 -14.18 -21.97
N THR B 97 -3.71 -14.88 -21.57
CA THR B 97 -4.25 -15.93 -22.42
C THR B 97 -5.71 -15.70 -22.72
N ILE B 98 -6.03 -15.62 -24.00
CA ILE B 98 -7.41 -15.62 -24.46
C ILE B 98 -7.76 -17.04 -24.84
N SER B 99 -8.62 -17.67 -24.05
CA SER B 99 -8.89 -19.10 -24.21
C SER B 99 -9.47 -19.39 -25.60
N SER B 100 -10.62 -18.80 -25.88
CA SER B 100 -11.19 -18.85 -27.23
C SER B 100 -11.38 -17.43 -27.68
N VAL B 101 -11.48 -17.21 -28.99
CA VAL B 101 -11.46 -15.85 -29.50
C VAL B 101 -12.69 -15.52 -30.34
N GLU B 102 -13.30 -14.38 -30.07
CA GLU B 102 -14.23 -13.79 -31.01
C GLU B 102 -13.52 -12.66 -31.70
N ALA B 103 -14.18 -12.07 -32.68
CA ALA B 103 -13.59 -11.00 -33.46
C ALA B 103 -13.56 -9.72 -32.66
N GLU B 104 -14.43 -9.63 -31.66
CA GLU B 104 -14.53 -8.46 -30.80
C GLU B 104 -13.26 -8.25 -29.98
N ASP B 105 -12.37 -9.23 -30.04
CA ASP B 105 -11.16 -9.24 -29.22
C ASP B 105 -9.94 -8.69 -29.95
N ALA B 106 -10.14 -8.18 -31.17
CA ALA B 106 -9.01 -7.69 -31.94
C ALA B 106 -8.60 -6.30 -31.48
N ALA B 107 -7.38 -6.21 -30.96
CA ALA B 107 -6.89 -4.99 -30.35
C ALA B 107 -5.40 -5.11 -30.05
N THR B 108 -4.84 -4.09 -29.39
CA THR B 108 -3.47 -4.15 -28.93
C THR B 108 -3.43 -4.23 -27.41
N TYR B 109 -2.64 -5.15 -26.88
CA TYR B 109 -2.61 -5.40 -25.45
C TYR B 109 -1.31 -4.93 -24.86
N TYR B 110 -1.38 -4.22 -23.73
CA TYR B 110 -0.21 -3.69 -23.07
C TYR B 110 -0.15 -4.20 -21.64
N CYS B 111 1.05 -4.45 -21.12
CA CYS B 111 1.23 -4.78 -19.72
C CYS B 111 2.06 -3.70 -19.01
N GLN B 112 1.88 -3.59 -17.71
CA GLN B 112 2.52 -2.54 -16.93
C GLN B 112 2.95 -3.01 -15.55
N GLN B 113 4.05 -2.45 -15.05
CA GLN B 113 4.49 -2.74 -13.69
C GLN B 113 4.44 -1.51 -12.77
N PHE B 114 3.80 -1.68 -11.61
CA PHE B 114 3.82 -0.68 -10.55
C PHE B 114 4.85 -0.96 -9.50
N SER B 115 5.69 -1.96 -9.73
CA SER B 115 6.67 -2.35 -8.73
C SER B 115 7.58 -1.20 -8.35
N GLY B 116 7.72 -0.22 -9.24
CA GLY B 116 8.56 0.92 -8.95
C GLY B 116 8.59 1.98 -10.04
N TYR B 117 8.98 3.19 -9.66
CA TYR B 117 9.18 4.28 -10.61
C TYR B 117 10.54 4.14 -11.33
N PRO B 118 10.73 4.68 -12.63
CA PRO B 118 9.50 5.19 -13.28
C PRO B 118 8.63 4.04 -13.76
N LEU B 119 7.31 4.26 -13.85
CA LEU B 119 6.42 3.20 -14.32
C LEU B 119 6.67 2.87 -15.79
N THR B 120 6.32 1.66 -16.17
CA THR B 120 6.69 1.18 -17.50
C THR B 120 5.64 0.29 -18.17
N PHE B 121 5.50 0.48 -19.48
CA PHE B 121 4.58 -0.29 -20.30
C PHE B 121 5.39 -1.19 -21.22
N GLY B 122 4.82 -2.33 -21.59
CA GLY B 122 5.45 -3.21 -22.56
C GLY B 122 5.37 -2.64 -23.96
N SER B 123 5.94 -3.36 -24.92
CA SER B 123 5.98 -2.92 -26.31
C SER B 123 4.62 -3.01 -26.97
N GLY B 124 3.80 -3.95 -26.49
CA GLY B 124 2.46 -4.16 -27.01
C GLY B 124 2.35 -5.33 -27.96
N THR B 125 1.21 -5.99 -27.93
CA THR B 125 0.93 -7.16 -28.75
C THR B 125 -0.32 -6.93 -29.57
N LYS B 126 -0.18 -6.89 -30.89
CA LYS B 126 -1.30 -6.55 -31.74
C LYS B 126 -2.01 -7.80 -32.25
N LEU B 127 -3.28 -7.96 -31.87
CA LEU B 127 -4.12 -9.04 -32.38
C LEU B 127 -4.84 -8.62 -33.64
N GLU B 128 -4.80 -9.49 -34.64
CA GLU B 128 -5.55 -9.27 -35.86
C GLU B 128 -6.13 -10.59 -36.33
N MET B 129 -7.42 -10.58 -36.64
CA MET B 129 -8.13 -11.80 -37.02
C MET B 129 -7.59 -12.36 -38.32
N LYS B 130 -7.52 -13.69 -38.36
CA LYS B 130 -7.08 -14.39 -39.55
C LYS B 130 -8.28 -14.64 -40.46
N ARG B 131 -8.07 -14.48 -41.76
CA ARG B 131 -9.16 -14.56 -42.71
C ARG B 131 -8.76 -15.39 -43.94
N ALA B 132 -9.75 -15.81 -44.71
CA ALA B 132 -9.51 -16.50 -45.96
C ALA B 132 -8.97 -15.55 -47.02
N ASP B 133 -7.87 -15.94 -47.63
CA ASP B 133 -7.14 -15.10 -48.56
C ASP B 133 -8.01 -14.55 -49.68
N ALA B 134 -7.94 -13.24 -49.88
CA ALA B 134 -8.70 -12.60 -50.93
C ALA B 134 -7.86 -11.58 -51.65
N ALA B 135 -7.82 -11.67 -52.96
CA ALA B 135 -7.04 -10.74 -53.74
C ALA B 135 -7.76 -9.41 -53.81
N PRO B 136 -7.00 -8.34 -54.08
CA PRO B 136 -7.50 -6.97 -54.13
C PRO B 136 -8.18 -6.65 -55.44
N THR B 137 -9.17 -5.75 -55.39
CA THR B 137 -9.73 -5.18 -56.61
C THR B 137 -9.09 -3.81 -56.80
N VAL B 138 -8.40 -3.64 -57.92
CA VAL B 138 -7.56 -2.46 -58.13
C VAL B 138 -8.20 -1.38 -58.98
N SER B 139 -8.46 -0.24 -58.36
CA SER B 139 -8.99 0.92 -59.07
C SER B 139 -7.87 1.94 -59.30
N ILE B 140 -7.81 2.48 -60.51
CA ILE B 140 -6.77 3.46 -60.84
C ILE B 140 -7.35 4.76 -61.40
N PHE B 141 -7.02 5.86 -60.73
CA PHE B 141 -7.59 7.17 -61.06
C PHE B 141 -6.49 8.13 -61.50
N PRO B 142 -6.81 9.03 -62.46
CA PRO B 142 -5.85 9.92 -63.08
C PRO B 142 -5.69 11.23 -62.31
N PRO B 143 -4.86 12.14 -62.83
CA PRO B 143 -4.75 13.45 -62.21
C PRO B 143 -6.05 14.22 -62.39
N SER B 144 -6.50 14.91 -61.35
CA SER B 144 -7.73 15.69 -61.45
C SER B 144 -7.58 16.79 -62.48
N SER B 145 -8.70 17.25 -63.01
CA SER B 145 -8.71 18.39 -63.91
C SER B 145 -8.18 19.64 -63.20
N GLU B 146 -8.40 19.68 -61.88
CA GLU B 146 -8.00 20.83 -61.07
C GLU B 146 -6.52 20.82 -60.71
N GLN B 147 -6.00 19.66 -60.34
CA GLN B 147 -4.62 19.55 -59.87
C GLN B 147 -3.63 20.02 -60.94
N LEU B 148 -4.01 19.85 -62.20
CA LEU B 148 -3.20 20.30 -63.31
C LEU B 148 -3.07 21.82 -63.31
N THR B 149 -4.16 22.50 -62.99
CA THR B 149 -4.19 23.97 -62.91
C THR B 149 -3.34 24.48 -61.74
N SER B 150 -2.92 23.56 -60.88
CA SER B 150 -1.99 23.90 -59.80
C SER B 150 -0.56 23.72 -60.29
N GLY B 151 -0.42 23.31 -61.55
CA GLY B 151 0.88 23.12 -62.16
C GLY B 151 1.58 21.83 -61.80
N GLY B 152 0.80 20.77 -61.62
CA GLY B 152 1.34 19.47 -61.24
C GLY B 152 0.32 18.35 -61.36
N ALA B 153 0.79 17.11 -61.32
CA ALA B 153 -0.09 15.97 -61.48
C ALA B 153 0.35 14.77 -60.64
N SER B 154 -0.62 14.06 -60.07
CA SER B 154 -0.32 12.86 -59.30
C SER B 154 -1.39 11.80 -59.53
N VAL B 155 -0.95 10.55 -59.63
CA VAL B 155 -1.86 9.44 -59.93
C VAL B 155 -2.10 8.57 -58.71
N VAL B 156 -3.33 8.09 -58.57
CA VAL B 156 -3.71 7.30 -57.41
C VAL B 156 -4.17 5.90 -57.78
N CYS B 157 -3.63 4.91 -57.07
CA CYS B 157 -4.03 3.53 -57.22
C CYS B 157 -4.71 3.06 -55.95
N PHE B 158 -5.84 2.38 -56.09
CA PHE B 158 -6.60 1.90 -54.95
C PHE B 158 -6.68 0.37 -54.91
N LEU B 159 -6.10 -0.22 -53.87
CA LEU B 159 -6.15 -1.66 -53.69
C LEU B 159 -6.99 -2.00 -52.46
N ASN B 160 -8.18 -2.57 -52.69
CA ASN B 160 -9.16 -2.68 -51.62
C ASN B 160 -9.62 -4.08 -51.29
N ASN B 161 -9.94 -4.30 -50.02
CA ASN B 161 -10.58 -5.53 -49.59
C ASN B 161 -9.78 -6.79 -49.90
N PHE B 162 -8.54 -6.83 -49.43
CA PHE B 162 -7.69 -7.98 -49.66
C PHE B 162 -7.09 -8.52 -48.36
N TYR B 163 -6.45 -9.67 -48.46
CA TYR B 163 -5.74 -10.25 -47.34
C TYR B 163 -4.62 -11.08 -47.92
N PRO B 164 -3.43 -11.33 -47.20
CA PRO B 164 -3.26 -10.57 -45.96
C PRO B 164 -2.59 -9.23 -46.18
N LYS B 165 -2.23 -8.53 -45.11
CA LYS B 165 -1.90 -7.13 -45.23
C LYS B 165 -0.78 -6.90 -46.20
N ASP B 166 0.27 -7.68 -46.11
CA ASP B 166 1.41 -7.46 -46.99
C ASP B 166 1.04 -7.57 -48.46
N ILE B 167 1.37 -6.52 -49.21
CA ILE B 167 1.07 -6.46 -50.62
C ILE B 167 2.08 -5.51 -51.26
N ASN B 168 2.27 -5.65 -52.57
CA ASN B 168 3.28 -4.86 -53.25
C ASN B 168 2.79 -4.26 -54.55
N VAL B 169 2.92 -2.95 -54.67
CA VAL B 169 2.56 -2.25 -55.89
C VAL B 169 3.82 -1.81 -56.60
N LYS B 170 3.75 -1.78 -57.93
CA LYS B 170 4.83 -1.29 -58.76
C LYS B 170 4.25 -0.44 -59.88
N TRP B 171 4.69 0.81 -59.96
CA TRP B 171 4.26 1.73 -61.01
C TRP B 171 5.13 1.62 -62.25
N LYS B 172 4.52 1.80 -63.40
CA LYS B 172 5.26 1.74 -64.64
C LYS B 172 4.68 2.73 -65.63
N ILE B 173 5.54 3.28 -66.48
CA ILE B 173 5.11 4.26 -67.47
C ILE B 173 5.72 4.02 -68.84
N ASP B 174 4.86 3.92 -69.85
CA ASP B 174 5.30 3.72 -71.22
C ASP B 174 6.21 2.51 -71.29
N GLY B 175 5.84 1.46 -70.56
CA GLY B 175 6.61 0.23 -70.53
C GLY B 175 7.88 0.37 -69.71
N SER B 176 8.05 1.52 -69.07
CA SER B 176 9.22 1.76 -68.24
C SER B 176 8.80 2.11 -66.82
N GLU B 177 9.50 1.55 -65.86
CA GLU B 177 9.15 1.75 -64.46
C GLU B 177 10.37 2.18 -63.66
N ARG B 178 10.28 3.36 -63.06
CA ARG B 178 11.28 3.78 -62.10
C ARG B 178 10.54 4.13 -60.81
N GLN B 179 11.24 4.03 -59.69
CA GLN B 179 10.61 4.16 -58.39
C GLN B 179 11.01 5.44 -57.67
N ASN B 180 10.10 6.41 -57.65
CA ASN B 180 10.28 7.61 -56.84
C ASN B 180 8.95 8.28 -56.54
N GLY B 181 8.88 8.98 -55.42
CA GLY B 181 7.73 9.82 -55.10
C GLY B 181 6.40 9.12 -55.16
N VAL B 182 6.26 8.02 -54.42
CA VAL B 182 4.97 7.36 -54.33
C VAL B 182 4.56 7.17 -52.88
N LEU B 183 3.29 7.49 -52.59
CA LEU B 183 2.80 7.46 -51.23
C LEU B 183 1.84 6.30 -51.00
N ASN B 184 2.31 5.33 -50.22
CA ASN B 184 1.57 4.11 -49.99
C ASN B 184 0.95 4.09 -48.60
N SER B 185 -0.33 3.76 -48.53
CA SER B 185 -1.02 3.75 -47.24
C SER B 185 -1.87 2.50 -47.03
N TRP B 186 -1.69 1.87 -45.86
CA TRP B 186 -2.42 0.68 -45.48
C TRP B 186 -3.36 0.96 -44.32
N THR B 187 -4.62 0.69 -44.54
CA THR B 187 -5.63 0.84 -43.50
C THR B 187 -5.42 -0.20 -42.41
N ASP B 188 -6.05 0.01 -41.26
CA ASP B 188 -6.06 -1.03 -40.26
C ASP B 188 -7.08 -2.09 -40.65
N GLN B 189 -7.17 -3.16 -39.87
CA GLN B 189 -8.00 -4.27 -40.30
C GLN B 189 -9.49 -4.01 -40.08
N ASP B 190 -10.23 -4.12 -41.18
CA ASP B 190 -11.68 -4.00 -41.18
C ASP B 190 -12.33 -4.91 -40.15
N SER B 191 -13.25 -4.39 -39.36
CA SER B 191 -13.92 -5.22 -38.36
C SER B 191 -15.16 -5.87 -38.96
N LYS B 192 -15.46 -5.57 -40.22
CA LYS B 192 -16.60 -6.18 -40.90
C LYS B 192 -16.15 -7.46 -41.63
N ASP B 193 -15.40 -7.29 -42.71
CA ASP B 193 -14.88 -8.44 -43.46
C ASP B 193 -13.48 -8.88 -43.05
N SER B 194 -12.83 -8.07 -42.23
CA SER B 194 -11.46 -8.34 -41.79
C SER B 194 -10.43 -8.34 -42.93
N THR B 195 -10.66 -7.49 -43.93
CA THR B 195 -9.69 -7.29 -44.99
C THR B 195 -8.93 -5.98 -44.79
N TYR B 196 -8.05 -5.69 -45.74
CA TYR B 196 -7.28 -4.46 -45.73
C TYR B 196 -7.54 -3.67 -46.99
N SER B 197 -6.87 -2.52 -47.10
CA SER B 197 -6.87 -1.75 -48.33
C SER B 197 -5.59 -0.95 -48.38
N MET B 198 -5.12 -0.68 -49.59
CA MET B 198 -3.87 0.03 -49.76
C MET B 198 -4.09 1.17 -50.75
N SER B 199 -3.35 2.25 -50.57
CA SER B 199 -3.42 3.37 -51.50
C SER B 199 -2.03 3.83 -51.89
N SER B 200 -1.79 3.85 -53.20
CA SER B 200 -0.49 4.28 -53.72
C SER B 200 -0.66 5.47 -54.64
N THR B 201 0.03 6.55 -54.32
CA THR B 201 -0.09 7.79 -55.07
C THR B 201 1.26 8.21 -55.62
N LEU B 202 1.31 8.43 -56.93
CA LEU B 202 2.54 8.83 -57.60
C LEU B 202 2.61 10.36 -57.75
N THR B 203 3.57 10.97 -57.07
CA THR B 203 3.80 12.40 -57.16
C THR B 203 4.64 12.70 -58.38
N LEU B 204 4.17 13.61 -59.23
CA LEU B 204 4.85 13.92 -60.48
C LEU B 204 4.62 15.38 -60.88
N THR B 205 5.42 15.91 -61.79
CA THR B 205 5.28 17.31 -62.17
C THR B 205 4.22 17.50 -63.26
N LYS B 206 3.92 18.75 -63.57
CA LYS B 206 3.03 19.08 -64.68
C LYS B 206 3.81 19.08 -65.98
N ASP B 207 5.06 19.53 -65.89
CA ASP B 207 5.96 19.52 -67.03
C ASP B 207 6.17 18.08 -67.47
N GLU B 208 6.31 17.21 -66.47
CA GLU B 208 6.38 15.77 -66.62
C GLU B 208 4.99 15.18 -66.81
N TYR B 209 4.86 14.08 -67.54
CA TYR B 209 3.54 13.49 -67.75
C TYR B 209 2.79 14.30 -68.79
N GLU B 210 3.53 15.15 -69.48
CA GLU B 210 3.15 15.76 -70.74
C GLU B 210 4.11 15.18 -71.76
N ARG B 211 5.05 14.37 -71.27
CA ARG B 211 6.05 13.75 -72.13
C ARG B 211 5.61 12.34 -72.47
N HIS B 212 4.99 11.67 -71.52
CA HIS B 212 4.58 10.29 -71.69
C HIS B 212 3.06 10.13 -71.87
N ASN B 213 2.63 8.91 -72.12
CA ASN B 213 1.22 8.65 -72.37
C ASN B 213 0.67 7.49 -71.53
N SER B 214 1.20 6.29 -71.77
CA SER B 214 0.75 5.10 -71.06
C SER B 214 1.03 5.18 -69.57
N TYR B 215 0.04 4.81 -68.77
CA TYR B 215 0.22 4.76 -67.32
C TYR B 215 -0.29 3.44 -66.76
N THR B 216 0.50 2.83 -65.89
CA THR B 216 0.20 1.50 -65.41
C THR B 216 0.41 1.36 -63.91
N CYS B 217 -0.51 0.66 -63.26
CA CYS B 217 -0.43 0.35 -61.84
C CYS B 217 -0.58 -1.16 -61.66
N GLU B 218 0.44 -1.78 -61.08
CA GLU B 218 0.44 -3.23 -60.94
C GLU B 218 0.29 -3.64 -59.50
N ALA B 219 -0.32 -4.79 -59.28
CA ALA B 219 -0.46 -5.32 -57.94
C ALA B 219 -0.02 -6.78 -57.89
N THR B 220 1.05 -7.04 -57.14
CA THR B 220 1.52 -8.40 -56.93
C THR B 220 1.08 -8.88 -55.56
N HIS B 221 0.21 -9.88 -55.53
CA HIS B 221 -0.27 -10.42 -54.27
C HIS B 221 0.15 -11.87 -54.10
N LYS B 222 -0.22 -12.45 -52.96
CA LYS B 222 0.05 -13.84 -52.68
C LYS B 222 -0.95 -14.72 -53.41
N THR B 223 -2.12 -14.15 -53.67
CA THR B 223 -3.22 -14.84 -54.32
C THR B 223 -2.83 -15.37 -55.71
N SER B 224 -2.33 -14.49 -56.56
CA SER B 224 -2.00 -14.87 -57.92
C SER B 224 -0.56 -14.52 -58.26
N THR B 225 0.22 -15.53 -58.66
CA THR B 225 1.58 -15.28 -59.14
C THR B 225 1.53 -14.32 -60.33
N SER B 226 0.42 -14.37 -61.05
CA SER B 226 0.14 -13.40 -62.10
C SER B 226 -0.41 -12.13 -61.46
N PRO B 227 0.35 -11.02 -61.56
CA PRO B 227 0.05 -9.74 -60.90
C PRO B 227 -1.13 -8.97 -61.51
N ILE B 228 -1.94 -8.35 -60.66
CA ILE B 228 -3.12 -7.59 -61.09
C ILE B 228 -2.70 -6.33 -61.80
N VAL B 229 -3.16 -6.16 -63.04
CA VAL B 229 -2.71 -5.04 -63.85
C VAL B 229 -3.84 -4.11 -64.25
N LYS B 230 -3.72 -2.86 -63.81
CA LYS B 230 -4.63 -1.80 -64.24
C LYS B 230 -3.80 -0.73 -64.91
N SER B 231 -4.42 0.11 -65.74
CA SER B 231 -3.66 1.06 -66.54
C SER B 231 -4.52 2.03 -67.33
N PHE B 232 -3.89 3.10 -67.78
CA PHE B 232 -4.59 4.15 -68.51
C PHE B 232 -3.68 4.89 -69.47
N ASN B 233 -4.25 5.33 -70.59
CA ASN B 233 -3.51 6.05 -71.63
C ASN B 233 -3.98 7.50 -71.68
N ARG B 234 -3.03 8.43 -71.78
CA ARG B 234 -3.35 9.86 -71.78
C ARG B 234 -4.29 10.25 -72.90
N ASN B 235 -4.39 9.39 -73.92
CA ASN B 235 -5.31 9.63 -75.03
C ASN B 235 -6.65 8.95 -74.77
N GLU B 236 -7.72 9.75 -74.77
CA GLU B 236 -9.07 9.23 -74.53
C GLU B 236 -10.13 10.03 -75.27
N GLU C 20 -21.18 7.81 -16.53
CA GLU C 20 -20.72 7.64 -15.15
C GLU C 20 -19.47 8.48 -14.87
N VAL C 21 -18.30 7.85 -14.99
CA VAL C 21 -17.03 8.54 -14.78
C VAL C 21 -16.48 9.03 -16.11
N GLN C 22 -16.22 10.32 -16.19
CA GLN C 22 -15.66 10.89 -17.41
C GLN C 22 -14.41 11.68 -17.07
N LEU C 23 -13.40 11.55 -17.91
CA LEU C 23 -12.22 12.41 -17.85
C LEU C 23 -12.03 13.02 -19.23
N VAL C 24 -11.75 14.33 -19.26
CA VAL C 24 -11.58 15.00 -20.54
C VAL C 24 -10.36 15.91 -20.57
N GLU C 25 -9.41 15.58 -21.43
CA GLU C 25 -8.22 16.41 -21.62
C GLU C 25 -8.55 17.49 -22.63
N SER C 26 -8.15 18.72 -22.33
CA SER C 26 -8.37 19.81 -23.25
C SER C 26 -7.05 20.51 -23.56
N GLY C 27 -7.09 21.50 -24.45
CA GLY C 27 -5.89 22.18 -24.86
C GLY C 27 -5.16 21.40 -25.93
N GLY C 28 -3.86 21.65 -26.06
CA GLY C 28 -3.03 20.93 -27.00
C GLY C 28 -3.23 21.38 -28.44
N GLY C 29 -2.25 21.06 -29.27
CA GLY C 29 -2.24 21.49 -30.65
C GLY C 29 -0.81 21.58 -31.16
N LEU C 30 -0.60 22.40 -32.19
CA LEU C 30 0.72 22.57 -32.76
C LEU C 30 1.57 23.49 -31.89
N VAL C 31 2.83 23.13 -31.69
CA VAL C 31 3.73 23.97 -30.93
C VAL C 31 5.14 23.96 -31.50
N LYS C 32 5.70 25.14 -31.69
CA LYS C 32 7.05 25.27 -32.19
C LYS C 32 8.00 24.75 -31.13
N PRO C 33 9.08 24.06 -31.55
CA PRO C 33 10.05 23.46 -30.62
C PRO C 33 10.58 24.51 -29.65
N GLY C 34 10.73 24.12 -28.38
CA GLY C 34 11.15 25.05 -27.35
C GLY C 34 9.96 25.78 -26.75
N GLY C 35 8.84 25.76 -27.48
CA GLY C 35 7.61 26.37 -27.01
C GLY C 35 7.14 25.71 -25.74
N SER C 36 6.20 26.34 -25.06
CA SER C 36 5.71 25.80 -23.81
C SER C 36 4.19 25.73 -23.82
N LEU C 37 3.64 24.71 -23.18
CA LEU C 37 2.21 24.55 -23.09
C LEU C 37 1.82 23.60 -21.96
N LYS C 38 0.56 23.62 -21.55
CA LYS C 38 0.00 22.42 -20.95
C LYS C 38 -1.52 22.31 -21.06
N LEU C 39 -1.97 21.06 -20.97
CA LEU C 39 -3.36 20.70 -21.06
C LEU C 39 -3.91 20.35 -19.69
N SER C 40 -5.21 20.06 -19.64
CA SER C 40 -5.88 19.80 -18.36
C SER C 40 -6.95 18.74 -18.49
N CYS C 41 -7.03 17.89 -17.47
CA CYS C 41 -8.05 16.84 -17.42
C CYS C 41 -9.19 17.27 -16.52
N ALA C 42 -10.41 17.21 -17.03
CA ALA C 42 -11.58 17.58 -16.24
C ALA C 42 -12.28 16.35 -15.71
N ALA C 43 -12.14 16.13 -14.41
CA ALA C 43 -12.65 14.93 -13.79
C ALA C 43 -14.08 15.12 -13.30
N SER C 44 -14.90 14.12 -13.49
CA SER C 44 -16.27 14.16 -13.02
C SER C 44 -16.76 12.76 -12.69
N GLY C 45 -17.64 12.65 -11.71
CA GLY C 45 -18.28 11.38 -11.42
C GLY C 45 -17.71 10.64 -10.24
N PHE C 46 -16.60 11.14 -9.72
CA PHE C 46 -16.00 10.53 -8.54
C PHE C 46 -15.41 11.60 -7.62
N THR C 47 -15.14 11.22 -6.38
CA THR C 47 -14.55 12.19 -5.47
C THR C 47 -13.08 12.28 -5.83
N PHE C 48 -12.69 13.46 -6.30
CA PHE C 48 -11.43 13.65 -6.98
C PHE C 48 -10.29 13.75 -5.99
N SER C 49 -10.60 14.30 -4.82
CA SER C 49 -9.63 14.51 -3.77
C SER C 49 -9.00 13.21 -3.30
N SER C 50 -9.74 12.10 -3.47
CA SER C 50 -9.31 10.85 -2.89
C SER C 50 -8.56 9.92 -3.85
N TYR C 51 -8.37 10.36 -5.09
CA TYR C 51 -7.68 9.53 -6.07
C TYR C 51 -6.45 10.19 -6.67
N ALA C 52 -5.30 9.58 -6.48
CA ALA C 52 -4.10 10.03 -7.18
C ALA C 52 -4.29 9.87 -8.67
N MET C 53 -3.91 10.90 -9.41
CA MET C 53 -4.00 10.83 -10.85
C MET C 53 -2.64 10.56 -11.49
N SER C 54 -2.62 10.40 -12.79
CA SER C 54 -1.37 10.23 -13.49
C SER C 54 -1.51 10.63 -14.95
N TRP C 55 -0.44 11.13 -15.53
CA TRP C 55 -0.42 11.45 -16.96
C TRP C 55 0.38 10.43 -17.73
N VAL C 56 -0.24 9.84 -18.75
CA VAL C 56 0.42 8.85 -19.59
C VAL C 56 0.25 9.20 -21.05
N ARG C 57 1.33 9.14 -21.82
CA ARG C 57 1.25 9.55 -23.23
C ARG C 57 1.59 8.42 -24.20
N GLN C 58 1.09 8.54 -25.41
CA GLN C 58 1.32 7.53 -26.43
C GLN C 58 1.69 8.11 -27.79
N SER C 59 2.86 7.75 -28.28
CA SER C 59 3.40 8.28 -29.54
C SER C 59 2.71 7.67 -30.76
N PRO C 60 2.98 8.25 -31.94
CA PRO C 60 2.46 7.74 -33.21
C PRO C 60 2.96 6.35 -33.52
N GLU C 61 3.98 5.92 -32.79
CA GLU C 61 4.47 4.55 -32.90
C GLU C 61 3.57 3.66 -32.08
N LYS C 62 2.58 4.27 -31.44
CA LYS C 62 1.57 3.54 -30.68
C LYS C 62 2.19 2.78 -29.52
N ARG C 63 3.09 3.46 -28.81
CA ARG C 63 3.74 2.89 -27.64
C ARG C 63 3.50 3.76 -26.42
N LEU C 64 2.94 3.16 -25.38
CA LEU C 64 2.53 3.88 -24.18
C LEU C 64 3.69 4.18 -23.24
N GLU C 65 3.88 5.46 -22.96
CA GLU C 65 4.91 5.89 -22.03
C GLU C 65 4.28 6.63 -20.84
N TRP C 66 4.84 6.39 -19.66
CA TRP C 66 4.40 7.09 -18.48
C TRP C 66 5.09 8.43 -18.39
N VAL C 67 4.39 9.41 -17.81
CA VAL C 67 4.93 10.76 -17.74
C VAL C 67 5.07 11.22 -16.30
N ALA C 68 3.95 11.39 -15.60
CA ALA C 68 4.03 11.75 -14.20
C ALA C 68 2.82 11.31 -13.40
N GLU C 69 3.05 11.07 -12.11
CA GLU C 69 1.96 10.76 -11.20
C GLU C 69 1.90 11.82 -10.12
N ILE C 70 0.69 12.07 -9.63
CA ILE C 70 0.49 13.00 -8.54
C ILE C 70 -0.43 12.39 -7.49
N SER C 71 -0.10 12.58 -6.22
CA SER C 71 -0.92 12.02 -5.16
C SER C 71 -2.25 12.78 -5.04
N SER C 72 -3.09 12.32 -4.12
CA SER C 72 -4.42 12.88 -3.94
C SER C 72 -4.37 14.32 -3.44
N GLY C 73 -3.68 14.53 -2.33
CA GLY C 73 -3.44 15.86 -1.82
C GLY C 73 -2.28 16.50 -2.53
N GLY C 74 -1.60 15.73 -3.38
CA GLY C 74 -0.55 16.26 -4.22
C GLY C 74 0.75 16.57 -3.50
N ARG C 75 0.94 15.98 -2.33
CA ARG C 75 2.18 16.16 -1.61
C ARG C 75 3.25 15.18 -2.08
N TYR C 76 2.83 14.19 -2.86
CA TYR C 76 3.76 13.20 -3.41
C TYR C 76 3.71 13.21 -4.93
N ILE C 77 4.84 13.56 -5.55
CA ILE C 77 4.89 13.69 -7.01
C ILE C 77 6.05 12.95 -7.65
N TYR C 78 5.76 12.11 -8.63
CA TYR C 78 6.77 11.31 -9.31
C TYR C 78 6.84 11.64 -10.80
N TYR C 79 8.05 11.79 -11.31
CA TYR C 79 8.27 12.15 -12.72
C TYR C 79 9.11 11.12 -13.48
N SER C 80 8.95 11.12 -14.80
CA SER C 80 9.81 10.35 -15.70
C SER C 80 11.12 11.09 -15.91
N ASP C 81 12.16 10.37 -16.30
CA ASP C 81 13.47 11.00 -16.46
C ASP C 81 13.68 11.60 -17.85
N THR C 82 12.85 11.21 -18.80
CA THR C 82 12.95 11.78 -20.14
C THR C 82 12.23 13.12 -20.13
N VAL C 83 11.59 13.39 -19.00
CA VAL C 83 10.69 14.51 -18.82
C VAL C 83 11.25 15.48 -17.81
N THR C 84 11.54 14.96 -16.63
CA THR C 84 11.70 15.75 -15.43
C THR C 84 12.54 17.01 -15.61
N GLY C 85 11.96 18.12 -15.16
CA GLY C 85 12.56 19.43 -15.24
C GLY C 85 11.97 20.24 -16.38
N ARG C 86 11.48 19.56 -17.40
CA ARG C 86 10.78 20.22 -18.49
C ARG C 86 9.27 20.16 -18.29
N PHE C 87 8.84 19.34 -17.32
CA PHE C 87 7.43 19.10 -17.08
C PHE C 87 7.09 19.29 -15.62
N THR C 88 5.94 19.87 -15.34
CA THR C 88 5.49 20.03 -13.97
C THR C 88 4.01 19.73 -13.84
N ILE C 89 3.67 18.82 -12.93
CA ILE C 89 2.29 18.37 -12.80
C ILE C 89 1.56 19.06 -11.65
N SER C 90 0.32 19.46 -11.90
CA SER C 90 -0.43 20.30 -10.99
C SER C 90 -1.80 19.72 -10.68
N ARG C 91 -2.37 20.08 -9.53
CA ARG C 91 -3.66 19.55 -9.14
C ARG C 91 -4.61 20.58 -8.51
N ASP C 92 -5.79 20.74 -9.10
CA ASP C 92 -6.83 21.55 -8.48
C ASP C 92 -7.98 20.66 -8.06
N ASN C 93 -8.09 20.43 -6.76
CA ASN C 93 -9.13 19.56 -6.21
C ASN C 93 -10.45 20.28 -6.04
N ALA C 94 -10.36 21.57 -5.77
CA ALA C 94 -11.55 22.39 -5.56
C ALA C 94 -12.45 22.35 -6.79
N ARG C 95 -11.84 22.62 -7.94
CA ARG C 95 -12.56 22.65 -9.20
C ARG C 95 -12.53 21.30 -9.89
N ASN C 96 -11.89 20.31 -9.26
CA ASN C 96 -11.76 18.98 -9.86
C ASN C 96 -11.00 19.03 -11.17
N ILE C 97 -9.83 19.64 -11.15
CA ILE C 97 -9.05 19.81 -12.37
C ILE C 97 -7.63 19.31 -12.22
N LEU C 98 -7.19 18.53 -13.20
CA LEU C 98 -5.81 18.08 -13.24
C LEU C 98 -5.15 18.56 -14.52
N HIS C 99 -4.06 19.29 -14.35
CA HIS C 99 -3.24 19.71 -15.47
C HIS C 99 -1.77 19.64 -15.08
N LEU C 100 -0.94 19.45 -16.08
CA LEU C 100 0.51 19.45 -15.90
C LEU C 100 1.06 20.84 -16.29
N GLU C 101 2.37 20.97 -16.40
CA GLU C 101 2.97 22.13 -17.06
C GLU C 101 4.18 21.72 -17.90
N MET C 102 4.14 22.04 -19.20
CA MET C 102 5.24 21.68 -20.10
C MET C 102 6.04 22.88 -20.56
N SER C 103 7.37 22.73 -20.57
CA SER C 103 8.26 23.75 -21.07
C SER C 103 9.46 23.11 -21.74
N SER C 104 10.10 23.87 -22.63
CA SER C 104 11.19 23.35 -23.45
C SER C 104 10.78 22.02 -24.08
N LEU C 105 9.77 22.08 -24.93
CA LEU C 105 9.30 20.89 -25.62
C LEU C 105 10.31 20.47 -26.67
N ARG C 106 10.20 19.22 -27.09
CA ARG C 106 11.01 18.67 -28.16
C ARG C 106 10.10 17.98 -29.14
N SER C 107 10.62 17.65 -30.32
CA SER C 107 9.82 16.93 -31.30
C SER C 107 9.60 15.49 -30.82
N GLU C 108 10.39 15.08 -29.83
CA GLU C 108 10.26 13.77 -29.24
C GLU C 108 9.18 13.77 -28.16
N ASP C 109 8.65 14.94 -27.86
CA ASP C 109 7.58 15.11 -26.89
C ASP C 109 6.22 15.03 -27.55
N THR C 110 6.23 14.73 -28.84
CA THR C 110 5.00 14.67 -29.62
C THR C 110 4.25 13.39 -29.37
N ALA C 111 3.01 13.54 -28.90
CA ALA C 111 2.17 12.38 -28.69
C ALA C 111 0.77 12.80 -28.34
N MET C 112 -0.08 11.80 -28.15
CA MET C 112 -1.39 12.03 -27.56
C MET C 112 -1.28 11.81 -26.05
N TYR C 113 -1.72 12.79 -25.28
CA TYR C 113 -1.52 12.72 -23.83
C TYR C 113 -2.79 12.28 -23.12
N TYR C 114 -2.67 11.25 -22.29
CA TYR C 114 -3.81 10.63 -21.63
C TYR C 114 -3.88 10.97 -20.16
N CYS C 115 -5.07 11.37 -19.74
CA CYS C 115 -5.40 11.53 -18.34
C CYS C 115 -5.86 10.16 -17.83
N ALA C 116 -5.14 9.62 -16.86
CA ALA C 116 -5.45 8.29 -16.37
C ALA C 116 -5.31 8.23 -14.87
N ARG C 117 -6.24 7.52 -14.24
CA ARG C 117 -6.27 7.48 -12.79
C ARG C 117 -6.12 6.08 -12.25
N GLY C 118 -5.25 5.92 -11.26
CA GLY C 118 -5.51 4.93 -10.26
C GLY C 118 -4.83 5.33 -8.98
N GLU C 119 -5.51 5.06 -7.88
CA GLU C 119 -4.96 5.33 -6.55
C GLU C 119 -4.12 4.14 -6.15
N VAL C 120 -4.65 2.97 -6.46
CA VAL C 120 -4.06 1.74 -5.98
C VAL C 120 -3.13 1.18 -7.03
N ARG C 121 -1.84 1.19 -6.71
CA ARG C 121 -0.83 0.61 -7.57
C ARG C 121 -1.16 -0.83 -7.90
N GLN C 122 -1.50 -1.58 -6.86
CA GLN C 122 -1.86 -2.99 -7.03
C GLN C 122 -3.01 -3.18 -8.00
N ARG C 123 -3.85 -2.17 -8.16
CA ARG C 123 -5.00 -2.28 -9.08
C ARG C 123 -4.82 -1.64 -10.46
N GLY C 124 -3.70 -0.96 -10.72
CA GLY C 124 -3.49 -0.31 -12.01
C GLY C 124 -4.39 0.90 -12.28
N PHE C 125 -4.56 1.25 -13.56
CA PHE C 125 -5.31 2.44 -13.95
C PHE C 125 -6.77 2.19 -14.29
N ASP C 126 -7.68 2.61 -13.41
CA ASP C 126 -9.10 2.29 -13.57
C ASP C 126 -9.72 2.92 -14.81
N TYR C 127 -9.60 4.24 -14.92
CA TYR C 127 -10.30 4.95 -15.99
C TYR C 127 -9.40 5.90 -16.76
N TRP C 128 -9.59 5.92 -18.07
CA TRP C 128 -8.73 6.70 -18.97
C TRP C 128 -9.50 7.76 -19.73
N GLY C 129 -8.86 8.90 -19.96
CA GLY C 129 -9.49 9.99 -20.66
C GLY C 129 -9.67 9.62 -22.12
N GLN C 130 -10.22 10.55 -22.90
CA GLN C 130 -10.41 10.35 -24.32
C GLN C 130 -9.12 10.68 -25.07
N GLY C 131 -8.19 11.30 -24.36
CA GLY C 131 -6.93 11.71 -24.93
C GLY C 131 -7.00 13.08 -25.59
N THR C 132 -5.85 13.77 -25.64
CA THR C 132 -5.75 15.02 -26.38
C THR C 132 -4.41 15.10 -27.09
N THR C 133 -4.45 15.41 -28.38
CA THR C 133 -3.27 15.37 -29.21
C THR C 133 -2.33 16.54 -28.99
N LEU C 134 -1.04 16.29 -29.17
CA LEU C 134 -0.03 17.35 -29.15
C LEU C 134 1.02 17.12 -30.23
N THR C 135 1.22 18.13 -31.08
CA THR C 135 2.20 18.03 -32.15
C THR C 135 3.26 19.11 -32.06
N VAL C 136 4.49 18.70 -31.83
CA VAL C 136 5.59 19.63 -31.68
C VAL C 136 6.47 19.66 -32.92
N SER C 137 6.34 20.75 -33.68
CA SER C 137 7.01 20.81 -34.97
C SER C 137 7.44 22.22 -35.35
N SER C 138 8.61 22.30 -35.97
CA SER C 138 9.10 23.54 -36.54
C SER C 138 8.28 23.88 -37.77
N ALA C 139 7.57 22.89 -38.29
CA ALA C 139 6.83 23.05 -39.53
C ALA C 139 5.73 24.10 -39.41
N LYS C 140 5.44 24.72 -40.55
CA LYS C 140 4.47 25.79 -40.63
C LYS C 140 3.10 25.26 -41.07
N THR C 141 2.05 25.78 -40.44
CA THR C 141 0.70 25.35 -40.74
C THR C 141 0.28 25.73 -42.16
N THR C 142 -0.27 24.77 -42.89
CA THR C 142 -0.75 25.03 -44.25
C THR C 142 -2.03 24.25 -44.55
N ALA C 143 -2.91 24.85 -45.34
CA ALA C 143 -4.20 24.25 -45.65
C ALA C 143 -4.10 23.32 -46.85
N PRO C 144 -4.93 22.27 -46.86
CA PRO C 144 -4.92 21.15 -47.82
C PRO C 144 -5.55 21.46 -49.18
N SER C 145 -4.98 20.85 -50.21
CA SER C 145 -5.60 20.85 -51.53
C SER C 145 -6.46 19.59 -51.67
N VAL C 146 -7.66 19.73 -52.21
CA VAL C 146 -8.54 18.58 -52.38
C VAL C 146 -8.90 18.37 -53.85
N TYR C 147 -8.66 17.16 -54.35
CA TYR C 147 -8.91 16.87 -55.76
C TYR C 147 -9.85 15.69 -55.90
N PRO C 148 -10.76 15.76 -56.89
CA PRO C 148 -11.67 14.65 -57.17
C PRO C 148 -10.95 13.58 -57.96
N LEU C 149 -11.22 12.35 -57.64
CA LEU C 149 -10.55 11.27 -58.28
C LEU C 149 -11.70 10.60 -58.95
N ALA C 150 -11.66 10.52 -60.26
CA ALA C 150 -12.81 10.02 -60.98
C ALA C 150 -12.38 9.15 -62.12
N PRO C 151 -13.21 8.20 -62.53
CA PRO C 151 -12.79 7.23 -63.57
C PRO C 151 -13.77 7.00 -64.72
N VAL C 152 -13.30 6.44 -65.85
CA VAL C 152 -11.87 6.26 -66.13
C VAL C 152 -11.40 6.68 -67.54
N CYS C 153 -12.30 6.63 -68.51
CA CYS C 153 -11.99 6.80 -69.92
C CYS C 153 -13.13 6.28 -70.80
N GLY C 158 -18.74 -1.58 -65.78
CA GLY C 158 -18.68 -2.50 -64.66
C GLY C 158 -19.94 -2.45 -63.81
N SER C 159 -20.10 -3.45 -62.93
CA SER C 159 -21.30 -3.54 -62.10
C SER C 159 -21.31 -2.45 -61.02
N SER C 160 -20.22 -2.34 -60.28
CA SER C 160 -20.09 -1.30 -59.27
C SER C 160 -18.90 -0.40 -59.58
N VAL C 161 -18.98 0.85 -59.14
CA VAL C 161 -17.99 1.86 -59.48
C VAL C 161 -17.25 2.39 -58.26
N THR C 162 -16.02 2.85 -58.47
CA THR C 162 -15.22 3.37 -57.37
C THR C 162 -14.74 4.79 -57.64
N LEU C 163 -14.84 5.64 -56.62
CA LEU C 163 -14.39 7.04 -56.71
C LEU C 163 -13.45 7.39 -55.56
N GLY C 164 -13.01 8.63 -55.53
CA GLY C 164 -12.22 9.11 -54.42
C GLY C 164 -11.90 10.59 -54.50
N CYS C 165 -11.59 11.17 -53.34
CA CYS C 165 -11.04 12.52 -53.28
C CYS C 165 -9.64 12.44 -52.68
N LEU C 166 -8.67 12.95 -53.42
CA LEU C 166 -7.30 12.98 -52.94
C LEU C 166 -7.05 14.27 -52.19
N VAL C 167 -6.70 14.15 -50.92
CA VAL C 167 -6.49 15.31 -50.07
C VAL C 167 -5.00 15.43 -49.74
N LYS C 168 -4.36 16.43 -50.33
CA LYS C 168 -2.90 16.47 -50.32
C LYS C 168 -2.33 17.80 -49.82
N GLY C 169 -1.14 17.73 -49.23
CA GLY C 169 -0.36 18.90 -48.87
C GLY C 169 -0.93 19.76 -47.77
N TYR C 170 -1.16 19.16 -46.60
CA TYR C 170 -1.65 19.92 -45.46
C TYR C 170 -0.83 19.63 -44.21
N PHE C 171 -0.86 20.56 -43.27
CA PHE C 171 -0.26 20.34 -41.96
C PHE C 171 -1.02 21.11 -40.90
N PRO C 172 -1.15 20.55 -39.68
CA PRO C 172 -0.95 19.17 -39.25
C PRO C 172 -2.26 18.40 -39.27
N GLU C 173 -2.23 17.12 -38.92
CA GLU C 173 -3.47 16.40 -38.76
C GLU C 173 -3.98 16.98 -37.47
N PRO C 174 -5.29 16.98 -37.25
CA PRO C 174 -6.22 16.04 -37.83
C PRO C 174 -7.10 16.68 -38.85
N VAL C 175 -7.69 15.88 -39.73
CA VAL C 175 -8.63 16.37 -40.71
C VAL C 175 -9.91 15.56 -40.74
N THR C 176 -10.97 16.16 -41.23
CA THR C 176 -12.23 15.46 -41.31
C THR C 176 -12.58 15.19 -42.76
N LEU C 177 -12.73 13.92 -43.09
CA LEU C 177 -13.13 13.51 -44.43
C LEU C 177 -14.35 12.58 -44.39
N THR C 178 -15.44 13.05 -45.00
CA THR C 178 -16.68 12.29 -45.08
C THR C 178 -17.26 12.44 -46.47
N TRP C 179 -18.26 11.61 -46.80
CA TRP C 179 -18.83 11.62 -48.14
C TRP C 179 -20.31 11.98 -48.18
N ASN C 180 -20.69 12.80 -49.15
CA ASN C 180 -22.07 13.23 -49.31
C ASN C 180 -22.67 13.69 -48.00
N SER C 181 -21.95 14.59 -47.32
CA SER C 181 -22.38 15.15 -46.05
C SER C 181 -22.54 14.05 -45.00
N GLY C 182 -21.65 13.07 -45.07
CA GLY C 182 -21.67 11.97 -44.11
C GLY C 182 -22.90 11.11 -44.27
N SER C 183 -23.42 11.05 -45.49
CA SER C 183 -24.61 10.26 -45.80
C SER C 183 -24.31 8.76 -45.80
N LEU C 184 -23.52 8.35 -46.79
CA LEU C 184 -23.17 6.94 -46.94
C LEU C 184 -21.86 6.61 -46.22
N SER C 185 -21.96 5.86 -45.14
CA SER C 185 -20.78 5.42 -44.41
C SER C 185 -20.34 4.04 -44.88
N SER C 186 -21.15 3.44 -45.75
CA SER C 186 -20.88 2.08 -46.21
C SER C 186 -20.19 2.07 -47.55
N GLY C 187 -19.07 1.34 -47.61
CA GLY C 187 -18.35 1.15 -48.86
C GLY C 187 -17.14 2.06 -48.99
N VAL C 188 -16.84 2.78 -47.92
CA VAL C 188 -15.78 3.78 -47.96
C VAL C 188 -14.51 3.29 -47.30
N HIS C 189 -13.38 3.73 -47.83
CA HIS C 189 -12.08 3.49 -47.20
C HIS C 189 -11.32 4.79 -47.08
N THR C 190 -11.10 5.23 -45.85
CA THR C 190 -10.30 6.41 -45.64
C THR C 190 -8.94 6.02 -45.07
N PHE C 191 -7.92 6.18 -45.90
CA PHE C 191 -6.58 5.77 -45.54
C PHE C 191 -5.93 6.77 -44.61
N PRO C 192 -4.91 6.33 -43.91
CA PRO C 192 -4.15 7.18 -43.02
C PRO C 192 -3.33 8.20 -43.79
N ALA C 193 -3.06 9.33 -43.15
CA ALA C 193 -2.16 10.32 -43.67
C ALA C 193 -0.73 9.86 -43.52
N VAL C 194 0.12 10.26 -44.45
CA VAL C 194 1.54 10.02 -44.34
C VAL C 194 2.30 11.29 -44.61
N LEU C 195 3.34 11.50 -43.83
CA LEU C 195 4.09 12.74 -43.86
C LEU C 195 5.26 12.68 -44.83
N GLN C 196 5.27 13.60 -45.79
CA GLN C 196 6.37 13.72 -46.73
C GLN C 196 6.76 15.17 -46.95
N SER C 197 8.02 15.50 -46.65
CA SER C 197 8.51 16.86 -46.78
C SER C 197 7.76 17.81 -45.84
N ASP C 198 7.49 17.35 -44.63
CA ASP C 198 6.77 18.14 -43.64
C ASP C 198 5.36 18.47 -44.12
N LEU C 199 4.72 17.51 -44.77
CA LEU C 199 3.35 17.67 -45.25
C LEU C 199 2.60 16.34 -45.25
N TYR C 200 1.31 16.39 -44.93
CA TYR C 200 0.49 15.20 -44.91
C TYR C 200 -0.34 15.01 -46.18
N THR C 201 -0.29 13.81 -46.73
CA THR C 201 -1.13 13.45 -47.87
C THR C 201 -2.16 12.41 -47.48
N LEU C 202 -3.31 12.42 -48.15
CA LEU C 202 -4.39 11.51 -47.80
C LEU C 202 -5.32 11.27 -48.97
N SER C 203 -6.02 10.14 -48.95
CA SER C 203 -7.02 9.85 -49.98
C SER C 203 -8.06 8.89 -49.43
N SER C 204 -9.25 8.94 -50.00
CA SER C 204 -10.35 8.10 -49.52
C SER C 204 -11.11 7.51 -50.69
N SER C 205 -11.30 6.20 -50.64
CA SER C 205 -11.95 5.45 -51.71
C SER C 205 -13.32 4.95 -51.29
N VAL C 206 -14.28 5.13 -52.18
CA VAL C 206 -15.63 4.64 -51.98
C VAL C 206 -16.08 3.87 -53.21
N THR C 207 -17.08 3.03 -53.03
CA THR C 207 -17.61 2.24 -54.12
C THR C 207 -19.13 2.35 -54.11
N VAL C 208 -19.71 2.57 -55.28
CA VAL C 208 -21.14 2.69 -55.40
C VAL C 208 -21.65 1.80 -56.53
N THR C 209 -22.96 1.83 -56.77
CA THR C 209 -23.53 1.11 -57.90
C THR C 209 -23.37 1.95 -59.16
N SER C 210 -22.98 1.29 -60.25
CA SER C 210 -22.81 1.97 -61.53
C SER C 210 -24.10 2.67 -61.95
N SER C 211 -25.22 2.25 -61.39
CA SER C 211 -26.49 2.92 -61.63
C SER C 211 -26.54 4.24 -60.87
N THR C 212 -26.07 4.21 -59.62
CA THR C 212 -26.15 5.36 -58.72
C THR C 212 -25.41 6.57 -59.27
N TRP C 213 -24.28 6.32 -59.88
CA TRP C 213 -23.46 7.36 -60.39
C TRP C 213 -23.23 6.99 -61.85
N PRO C 214 -23.45 7.94 -62.76
CA PRO C 214 -23.61 9.36 -62.42
C PRO C 214 -25.07 9.78 -62.21
N SER C 215 -26.00 8.82 -62.09
CA SER C 215 -27.43 9.14 -62.08
C SER C 215 -27.82 10.09 -60.93
N GLN C 216 -27.29 9.86 -59.73
CA GLN C 216 -27.31 10.92 -58.70
C GLN C 216 -25.96 11.60 -58.64
N SER C 217 -25.78 12.59 -57.77
CA SER C 217 -24.47 13.24 -57.57
C SER C 217 -23.76 13.10 -56.23
N ILE C 218 -22.44 12.90 -56.29
CA ILE C 218 -21.66 12.54 -55.10
C ILE C 218 -20.60 13.55 -54.69
N THR C 219 -20.54 13.86 -53.40
CA THR C 219 -19.61 14.86 -52.91
C THR C 219 -18.62 14.34 -51.87
N CYS C 220 -17.39 14.83 -51.98
CA CYS C 220 -16.34 14.54 -51.03
C CYS C 220 -16.18 15.73 -50.10
N ASN C 221 -16.24 15.47 -48.79
CA ASN C 221 -16.24 16.56 -47.83
C ASN C 221 -15.03 16.55 -46.91
N VAL C 222 -14.15 17.54 -47.09
CA VAL C 222 -12.96 17.67 -46.26
C VAL C 222 -13.11 18.79 -45.26
N ALA C 223 -12.55 18.60 -44.08
CA ALA C 223 -12.58 19.64 -43.05
C ALA C 223 -11.24 19.77 -42.34
N HIS C 224 -10.63 20.93 -42.44
CA HIS C 224 -9.40 21.22 -41.69
C HIS C 224 -9.65 22.35 -40.71
N PRO C 225 -9.63 22.04 -39.41
CA PRO C 225 -9.84 23.03 -38.34
C PRO C 225 -8.73 24.07 -38.22
N ALA C 226 -7.49 23.61 -38.31
CA ALA C 226 -6.34 24.45 -38.02
C ALA C 226 -6.15 25.55 -39.04
N SER C 227 -6.49 25.28 -40.29
CA SER C 227 -6.34 26.28 -41.34
C SER C 227 -7.64 27.01 -41.61
N SER C 228 -8.69 26.67 -40.86
CA SER C 228 -10.02 27.22 -41.10
C SER C 228 -10.48 26.88 -42.52
N THR C 229 -10.19 25.65 -42.92
CA THR C 229 -10.54 25.15 -44.25
C THR C 229 -11.74 24.21 -44.21
N LYS C 230 -12.71 24.45 -45.09
CA LYS C 230 -13.85 23.53 -45.22
C LYS C 230 -14.22 23.40 -46.70
N VAL C 231 -14.29 22.15 -47.17
CA VAL C 231 -14.42 21.90 -48.60
C VAL C 231 -15.41 20.80 -48.97
N ASP C 232 -16.18 21.04 -50.03
CA ASP C 232 -17.02 20.01 -50.62
C ASP C 232 -16.71 19.95 -52.10
N LYS C 233 -16.92 18.78 -52.73
CA LYS C 233 -16.72 18.67 -54.17
C LYS C 233 -17.46 17.52 -54.85
N LYS C 234 -17.63 17.65 -56.16
CA LYS C 234 -18.38 16.69 -56.95
C LYS C 234 -17.52 16.12 -58.07
N ILE C 235 -17.96 15.02 -58.65
CA ILE C 235 -17.20 14.31 -59.68
C ILE C 235 -18.03 13.87 -60.86
N GLU C 236 -17.44 13.92 -62.06
CA GLU C 236 -18.05 13.29 -63.24
C GLU C 236 -16.99 13.18 -64.35
N PRO C 237 -17.35 12.59 -65.51
CA PRO C 237 -16.36 12.13 -66.51
C PRO C 237 -15.32 13.17 -66.95
N ARG C 238 -15.75 14.41 -67.17
CA ARG C 238 -14.84 15.47 -67.63
C ARG C 238 -13.99 16.03 -66.49
#